data_1ZBR
#
_entry.id   1ZBR
#
_cell.length_a   50.824
_cell.length_b   86.049
_cell.length_c   144.641
_cell.angle_alpha   90.00
_cell.angle_beta   90.00
_cell.angle_gamma   90.00
#
_symmetry.space_group_name_H-M   'P 21 21 21'
#
loop_
_entity.id
_entity.type
_entity.pdbx_description
1 polymer 'conserved hypothetical protein'
2 water water
#
_entity_poly.entity_id   1
_entity_poly.type   'polypeptide(L)'
_entity_poly.pdbx_seq_one_letter_code
;MTKRLFLPEWAPQEAVQLTWPHDRTDWAY(MSE)LDEVETCFVRIATAILRHERLIVVCPDRKRVFGLLPPELHHRLYCF
ELPSNDTWARDHGGISLLADGRP(MSE)IADFAFNGWG(MSE)KFAAHHDNLITRRLHALGLFAEGVTLDNRLAFVLEGG
ALETDGEGTLLTTDSCLFEPNRNAGLSRTAIIDTLKESLGVSRVLSLRHGALAGDDTDGHIDTLARFVDTRTIVYVRSED
PSDEHYSDLTA(MSE)EQELKELRRPDGQPYRLVPLP(MSE)AEALYDGADRLPATYANFLIINGAVLVPTYDSHLDAVA
LSV(MSE)QGLFPDREVIGIDCRPLVKQHGSLHCVT(MSE)QYPQGFIRLEHHHHHH
;
_entity_poly.pdbx_strand_id   A,B
#
# COMPACT_ATOMS: atom_id res chain seq x y z
N LYS A 3 25.23 -15.81 4.46
CA LYS A 3 26.44 -15.01 4.80
C LYS A 3 26.47 -13.74 3.95
N ARG A 4 25.78 -12.70 4.44
CA ARG A 4 25.66 -11.42 3.75
C ARG A 4 26.32 -10.25 4.50
N LEU A 5 26.42 -9.11 3.81
CA LEU A 5 27.01 -7.88 4.37
C LEU A 5 26.26 -6.68 3.82
N PHE A 6 25.75 -5.84 4.70
CA PHE A 6 25.03 -4.66 4.28
C PHE A 6 26.05 -3.52 4.21
N LEU A 7 26.38 -3.08 3.00
CA LEU A 7 27.37 -2.01 2.80
C LEU A 7 27.01 -0.64 3.38
N PRO A 8 27.95 0.00 4.10
CA PRO A 8 27.72 1.32 4.70
C PRO A 8 27.55 2.37 3.63
N GLU A 9 27.18 3.59 4.02
CA GLU A 9 26.95 4.66 3.07
C GLU A 9 28.24 5.31 2.54
N TRP A 10 29.23 5.45 3.42
CA TRP A 10 30.51 6.06 3.03
C TRP A 10 31.35 5.24 2.07
N ALA A 11 31.06 3.95 1.95
CA ALA A 11 31.81 3.08 1.04
C ALA A 11 31.82 3.70 -0.35
N PRO A 12 32.85 3.40 -1.17
CA PRO A 12 32.97 3.95 -2.53
C PRO A 12 31.72 3.70 -3.38
N GLN A 13 31.26 4.72 -4.09
CA GLN A 13 30.05 4.55 -4.89
C GLN A 13 30.24 4.72 -6.40
N GLU A 14 29.31 4.17 -7.16
CA GLU A 14 29.35 4.24 -8.61
C GLU A 14 28.49 5.41 -9.03
N ALA A 15 27.35 5.55 -8.34
CA ALA A 15 26.43 6.62 -8.65
C ALA A 15 25.33 6.77 -7.61
N VAL A 16 24.47 7.74 -7.83
CA VAL A 16 23.35 8.02 -6.95
C VAL A 16 22.10 8.08 -7.82
N GLN A 17 20.99 7.56 -7.30
CA GLN A 17 19.72 7.53 -7.99
C GLN A 17 18.83 8.66 -7.51
N LEU A 18 18.01 9.20 -8.40
CA LEU A 18 17.09 10.27 -8.06
C LEU A 18 15.84 10.05 -8.88
N THR A 19 14.67 10.21 -8.27
CA THR A 19 13.43 10.04 -8.99
C THR A 19 12.92 11.45 -9.18
N TRP A 20 13.15 11.98 -10.38
CA TRP A 20 12.76 13.34 -10.72
C TRP A 20 11.25 13.62 -10.60
N PRO A 21 10.90 14.76 -9.98
CA PRO A 21 9.50 15.17 -9.78
C PRO A 21 8.84 15.59 -11.09
N HIS A 22 7.52 15.57 -11.14
CA HIS A 22 6.80 15.96 -12.34
C HIS A 22 5.39 16.52 -12.07
N ASP A 23 4.64 16.74 -13.13
CA ASP A 23 3.28 17.29 -13.01
C ASP A 23 2.31 16.26 -12.48
N ARG A 24 2.61 14.98 -12.71
CA ARG A 24 1.73 13.92 -12.24
C ARG A 24 2.02 13.55 -10.78
N THR A 25 2.70 14.42 -10.05
CA THR A 25 3.03 14.17 -8.64
C THR A 25 2.50 15.29 -7.72
N ASP A 26 2.65 15.11 -6.42
CA ASP A 26 2.18 16.10 -5.45
C ASP A 26 2.95 17.40 -5.51
N TRP A 27 4.14 17.38 -6.12
CA TRP A 27 4.96 18.60 -6.21
C TRP A 27 4.37 19.55 -7.22
N ALA A 28 3.43 19.06 -8.02
CA ALA A 28 2.79 19.85 -9.05
C ALA A 28 2.65 21.35 -8.73
N TYR A 29 2.05 21.72 -7.60
CA TYR A 29 1.87 23.15 -7.30
C TYR A 29 3.16 23.89 -6.90
N LEU A 31 6.54 22.71 -8.62
CA LEU A 31 7.56 21.96 -9.34
C LEU A 31 8.84 22.77 -9.50
N ASP A 32 8.71 24.00 -10.00
CA ASP A 32 9.83 24.91 -10.20
C ASP A 32 10.62 25.18 -8.90
N GLU A 33 9.93 25.17 -7.76
CA GLU A 33 10.60 25.40 -6.48
C GLU A 33 11.39 24.16 -6.05
N VAL A 34 10.80 22.97 -6.25
CA VAL A 34 11.47 21.74 -5.86
C VAL A 34 12.44 21.26 -6.94
N GLU A 35 12.15 21.55 -8.20
CA GLU A 35 13.02 21.13 -9.31
C GLU A 35 14.34 21.89 -9.27
N THR A 36 14.30 23.13 -8.80
CA THR A 36 15.53 23.90 -8.71
C THR A 36 16.36 23.32 -7.58
N CYS A 37 15.73 22.48 -6.75
CA CYS A 37 16.45 21.84 -5.65
C CYS A 37 17.16 20.62 -6.22
N PHE A 38 16.40 19.81 -6.94
CA PHE A 38 16.93 18.59 -7.56
C PHE A 38 18.12 18.89 -8.47
N VAL A 39 17.98 19.92 -9.31
CA VAL A 39 19.06 20.29 -10.21
C VAL A 39 20.33 20.65 -9.39
N ARG A 40 20.13 21.22 -8.20
CA ARG A 40 21.24 21.60 -7.32
C ARG A 40 21.88 20.33 -6.76
N ILE A 41 21.05 19.35 -6.39
CA ILE A 41 21.55 18.10 -5.86
C ILE A 41 22.13 17.26 -6.99
N ALA A 42 21.46 17.25 -8.15
CA ALA A 42 21.96 16.47 -9.28
C ALA A 42 23.36 16.94 -9.66
N THR A 43 23.49 18.26 -9.83
CA THR A 43 24.77 18.88 -10.18
C THR A 43 25.89 18.50 -9.20
N ALA A 44 25.62 18.66 -7.90
CA ALA A 44 26.65 18.30 -6.91
C ALA A 44 27.06 16.83 -7.07
N ILE A 45 26.09 15.93 -7.24
CA ILE A 45 26.42 14.52 -7.39
C ILE A 45 27.18 14.23 -8.70
N LEU A 46 26.76 14.87 -9.79
CA LEU A 46 27.42 14.70 -11.09
C LEU A 46 28.83 15.29 -11.13
N ARG A 47 29.34 15.69 -9.99
CA ARG A 47 30.65 16.31 -9.95
C ARG A 47 31.68 15.44 -9.25
N HIS A 48 31.22 14.37 -8.63
CA HIS A 48 32.12 13.46 -7.93
C HIS A 48 31.90 12.03 -8.37
N GLU A 49 30.82 11.81 -9.09
CA GLU A 49 30.46 10.49 -9.58
C GLU A 49 29.27 10.56 -10.54
N ARG A 50 28.86 9.39 -11.03
CA ARG A 50 27.75 9.29 -11.97
C ARG A 50 26.40 9.51 -11.29
N LEU A 51 25.38 9.75 -12.10
CA LEU A 51 24.04 10.00 -11.60
C LEU A 51 22.98 9.24 -12.40
N ILE A 52 22.12 8.54 -11.67
CA ILE A 52 21.02 7.78 -12.26
C ILE A 52 19.74 8.53 -11.91
N VAL A 53 18.93 8.87 -12.91
CA VAL A 53 17.68 9.57 -12.65
C VAL A 53 16.50 8.88 -13.34
N VAL A 54 15.49 8.50 -12.56
CA VAL A 54 14.29 7.90 -13.13
C VAL A 54 13.38 9.12 -13.35
N CYS A 55 13.00 9.37 -14.59
CA CYS A 55 12.14 10.52 -14.90
C CYS A 55 11.15 10.17 -15.99
N PRO A 56 10.25 11.12 -16.33
CA PRO A 56 9.25 10.90 -17.37
C PRO A 56 9.80 11.03 -18.80
N ASP A 57 10.76 11.95 -19.00
CA ASP A 57 11.39 12.14 -20.31
C ASP A 57 12.82 12.63 -20.17
N ARG A 58 13.74 11.87 -20.76
CA ARG A 58 15.18 12.16 -20.73
C ARG A 58 15.49 13.59 -21.14
N LYS A 59 14.88 13.99 -22.25
CA LYS A 59 15.09 15.31 -22.82
C LYS A 59 15.07 16.45 -21.81
N ARG A 60 14.05 16.49 -20.95
CA ARG A 60 13.91 17.56 -19.97
C ARG A 60 15.00 17.60 -18.90
N VAL A 61 15.37 16.43 -18.41
CA VAL A 61 16.39 16.34 -17.37
C VAL A 61 17.72 16.82 -17.92
N PHE A 62 18.14 16.29 -19.06
CA PHE A 62 19.41 16.71 -19.64
C PHE A 62 19.45 18.22 -19.84
N GLY A 63 18.31 18.79 -20.24
CA GLY A 63 18.23 20.22 -20.48
C GLY A 63 18.51 21.08 -19.27
N LEU A 64 18.03 20.66 -18.10
CA LEU A 64 18.25 21.40 -16.88
C LEU A 64 19.65 21.21 -16.30
N LEU A 65 20.31 20.10 -16.62
CA LEU A 65 21.65 19.87 -16.09
C LEU A 65 22.73 20.38 -17.05
N PRO A 66 23.87 20.84 -16.50
CA PRO A 66 24.98 21.35 -17.31
C PRO A 66 25.57 20.30 -18.24
N PRO A 67 25.64 20.61 -19.55
CA PRO A 67 26.19 19.68 -20.55
C PRO A 67 27.58 19.13 -20.25
N GLU A 68 28.38 19.87 -19.48
CA GLU A 68 29.72 19.42 -19.13
C GLU A 68 29.62 18.12 -18.35
N LEU A 69 28.45 17.83 -17.78
CA LEU A 69 28.31 16.62 -17.00
C LEU A 69 27.32 15.60 -17.57
N HIS A 70 26.97 15.73 -18.84
CA HIS A 70 26.02 14.78 -19.44
C HIS A 70 26.58 13.37 -19.59
N HIS A 71 27.90 13.26 -19.67
CA HIS A 71 28.52 11.96 -19.83
C HIS A 71 28.44 11.08 -18.59
N ARG A 72 28.05 11.66 -17.46
CA ARG A 72 27.93 10.90 -16.23
C ARG A 72 26.45 10.75 -15.89
N LEU A 73 25.62 11.52 -16.57
CA LEU A 73 24.19 11.53 -16.34
C LEU A 73 23.42 10.41 -17.05
N TYR A 74 22.79 9.53 -16.28
CA TYR A 74 22.00 8.44 -16.89
C TYR A 74 20.50 8.70 -16.71
N CYS A 75 19.74 8.42 -17.76
CA CYS A 75 18.30 8.63 -17.69
C CYS A 75 17.46 7.45 -18.12
N PHE A 76 16.53 7.06 -17.25
CA PHE A 76 15.61 5.96 -17.52
C PHE A 76 14.18 6.50 -17.46
N GLU A 77 13.45 6.43 -18.56
CA GLU A 77 12.06 6.90 -18.54
C GLU A 77 11.15 5.83 -17.95
N LEU A 78 10.76 6.01 -16.69
CA LEU A 78 9.91 5.08 -15.97
C LEU A 78 8.88 5.85 -15.16
N PRO A 79 7.69 5.26 -14.98
CA PRO A 79 6.61 5.87 -14.23
C PRO A 79 6.92 5.94 -12.74
N SER A 80 6.53 7.02 -12.09
CA SER A 80 6.76 7.20 -10.68
C SER A 80 5.56 7.90 -10.05
N ASN A 81 5.40 7.71 -8.74
CA ASN A 81 4.31 8.33 -8.00
C ASN A 81 4.90 9.48 -7.21
N ASP A 82 6.09 9.26 -6.68
CA ASP A 82 6.75 10.24 -5.83
C ASP A 82 8.24 10.32 -6.16
N THR A 83 8.97 11.10 -5.37
CA THR A 83 10.39 11.32 -5.57
C THR A 83 11.28 10.94 -4.36
N TRP A 84 11.05 9.78 -3.79
CA TRP A 84 11.84 9.33 -2.65
C TRP A 84 12.64 8.07 -2.96
N ALA A 85 13.68 8.20 -3.77
CA ALA A 85 14.52 7.06 -4.16
C ALA A 85 15.17 6.40 -2.96
N ARG A 86 15.11 7.08 -1.82
CA ARG A 86 15.68 6.56 -0.59
C ARG A 86 14.79 5.49 -0.01
N ASP A 87 13.49 5.65 -0.16
CA ASP A 87 12.59 4.67 0.40
C ASP A 87 12.12 3.58 -0.54
N HIS A 88 12.23 3.81 -1.84
CA HIS A 88 11.78 2.80 -2.80
C HIS A 88 12.93 2.24 -3.61
N GLY A 89 14.13 2.77 -3.37
CA GLY A 89 15.28 2.31 -4.10
C GLY A 89 15.78 0.97 -3.60
N GLY A 90 16.70 0.37 -4.37
CA GLY A 90 17.24 -0.92 -4.00
C GLY A 90 18.39 -0.87 -3.01
N ILE A 91 18.37 -1.82 -2.08
CA ILE A 91 19.39 -1.94 -1.04
C ILE A 91 20.57 -2.77 -1.51
N SER A 92 21.77 -2.19 -1.39
CA SER A 92 23.01 -2.83 -1.83
C SER A 92 23.71 -3.67 -0.77
N LEU A 93 24.05 -4.90 -1.13
CA LEU A 93 24.73 -5.75 -0.18
C LEU A 93 25.52 -6.82 -0.91
N LEU A 94 26.49 -7.39 -0.23
CA LEU A 94 27.30 -8.44 -0.81
C LEU A 94 26.88 -9.80 -0.31
N ALA A 95 26.61 -10.71 -1.23
CA ALA A 95 26.20 -12.06 -0.85
C ALA A 95 27.34 -12.99 -1.16
N ASP A 96 28.15 -13.26 -0.15
CA ASP A 96 29.31 -14.12 -0.29
C ASP A 96 30.25 -13.46 -1.30
N GLY A 97 30.61 -12.21 -1.04
CA GLY A 97 31.52 -11.49 -1.93
C GLY A 97 30.89 -11.03 -3.23
N ARG A 98 29.84 -11.69 -3.67
CA ARG A 98 29.17 -11.31 -4.92
C ARG A 98 28.21 -10.16 -4.66
N PRO A 99 28.27 -9.11 -5.50
CA PRO A 99 27.41 -7.93 -5.40
C PRO A 99 25.95 -8.31 -5.60
N ILE A 101 21.56 -6.85 -5.08
CA ILE A 101 20.58 -5.79 -4.82
C ILE A 101 19.29 -6.38 -4.27
N ALA A 102 18.85 -5.90 -3.11
CA ALA A 102 17.62 -6.41 -2.53
C ALA A 102 16.45 -5.45 -2.76
N ASP A 103 15.43 -5.94 -3.44
CA ASP A 103 14.25 -5.14 -3.70
C ASP A 103 13.24 -5.39 -2.56
N PHE A 104 13.13 -4.41 -1.68
CA PHE A 104 12.20 -4.48 -0.57
C PHE A 104 10.93 -3.76 -1.01
N ALA A 105 9.80 -4.21 -0.48
CA ALA A 105 8.53 -3.59 -0.82
C ALA A 105 8.45 -2.23 -0.15
N PHE A 106 7.84 -1.29 -0.85
CA PHE A 106 7.63 0.08 -0.37
C PHE A 106 6.14 0.34 -0.63
N ASN A 107 5.38 0.74 0.38
CA ASN A 107 3.96 0.95 0.15
C ASN A 107 3.42 2.30 0.59
N GLY A 108 4.24 3.33 0.42
CA GLY A 108 3.85 4.67 0.76
C GLY A 108 3.95 4.93 2.25
N TRP A 109 4.96 4.35 2.89
CA TRP A 109 5.14 4.53 4.32
C TRP A 109 3.90 4.08 5.09
N GLY A 110 3.51 2.83 4.91
CA GLY A 110 2.35 2.33 5.60
C GLY A 110 1.04 2.60 4.89
N LYS A 112 0.11 5.26 3.26
CA LYS A 112 -0.33 6.63 3.45
C LYS A 112 -0.52 7.31 2.08
N PHE A 113 0.17 6.81 1.06
CA PHE A 113 0.03 7.39 -0.26
C PHE A 113 0.19 6.28 -1.32
N ALA A 114 -0.32 6.53 -2.53
CA ALA A 114 -0.22 5.57 -3.62
C ALA A 114 1.24 5.29 -3.95
N ALA A 115 1.54 4.02 -4.22
CA ALA A 115 2.91 3.63 -4.51
C ALA A 115 3.04 2.54 -5.54
N HIS A 116 1.97 2.33 -6.29
CA HIS A 116 1.97 1.29 -7.31
C HIS A 116 3.05 1.49 -8.38
N HIS A 117 3.50 2.73 -8.56
CA HIS A 117 4.56 3.00 -9.54
C HIS A 117 5.94 2.95 -8.93
N ASP A 118 6.10 3.55 -7.75
CA ASP A 118 7.40 3.57 -7.08
C ASP A 118 7.92 2.21 -6.68
N ASN A 119 7.01 1.34 -6.27
CA ASN A 119 7.39 -0.01 -5.85
C ASN A 119 7.71 -0.89 -7.05
N LEU A 120 7.87 -0.24 -8.20
CA LEU A 120 8.18 -0.95 -9.44
C LEU A 120 9.39 -0.37 -10.10
N ILE A 121 9.88 0.73 -9.57
CA ILE A 121 11.04 1.36 -10.19
C ILE A 121 12.24 0.41 -10.17
N THR A 122 12.50 -0.22 -9.05
CA THR A 122 13.64 -1.10 -8.96
C THR A 122 13.59 -2.25 -9.94
N ARG A 123 12.49 -3.00 -9.92
CA ARG A 123 12.35 -4.12 -10.83
C ARG A 123 12.43 -3.61 -12.27
N ARG A 124 11.68 -2.57 -12.59
CA ARG A 124 11.72 -2.06 -13.94
C ARG A 124 13.16 -1.72 -14.31
N LEU A 125 13.89 -1.09 -13.40
CA LEU A 125 15.29 -0.75 -13.69
C LEU A 125 16.18 -1.99 -13.88
N HIS A 126 16.08 -2.95 -12.97
CA HIS A 126 16.90 -4.13 -13.09
C HIS A 126 16.64 -4.82 -14.43
N ALA A 127 15.43 -4.67 -14.95
CA ALA A 127 15.07 -5.28 -16.23
C ALA A 127 15.71 -4.50 -17.36
N LEU A 128 15.68 -3.17 -17.26
CA LEU A 128 16.28 -2.31 -18.28
C LEU A 128 17.80 -2.39 -18.20
N GLY A 129 18.31 -3.37 -17.46
CA GLY A 129 19.75 -3.53 -17.34
C GLY A 129 20.55 -2.38 -16.74
N LEU A 130 20.00 -1.71 -15.73
CA LEU A 130 20.71 -0.60 -15.07
C LEU A 130 21.88 -1.14 -14.24
N PHE A 131 21.73 -2.32 -13.65
CA PHE A 131 22.79 -2.90 -12.83
C PHE A 131 23.70 -3.79 -13.66
N ALA A 132 24.99 -3.74 -13.35
CA ALA A 132 26.00 -4.53 -14.04
C ALA A 132 25.73 -6.02 -13.95
N GLU A 133 26.03 -6.73 -15.03
CA GLU A 133 25.83 -8.18 -15.10
C GLU A 133 26.50 -8.84 -13.89
N GLY A 134 25.81 -9.79 -13.28
CA GLY A 134 26.35 -10.45 -12.11
C GLY A 134 25.64 -9.97 -10.86
N VAL A 135 25.04 -8.80 -10.95
CA VAL A 135 24.31 -8.26 -9.80
C VAL A 135 22.94 -8.92 -9.62
N THR A 136 22.85 -9.85 -8.67
CA THR A 136 21.59 -10.54 -8.42
C THR A 136 20.54 -9.59 -7.84
N LEU A 137 19.29 -9.84 -8.20
CA LEU A 137 18.17 -9.02 -7.73
C LEU A 137 17.31 -9.85 -6.78
N ASP A 138 17.73 -9.91 -5.53
CA ASP A 138 17.03 -10.63 -4.48
C ASP A 138 15.63 -10.03 -4.28
N ASN A 139 14.60 -10.86 -4.51
CA ASN A 139 13.20 -10.44 -4.40
C ASN A 139 12.72 -10.53 -2.97
N ARG A 140 12.57 -9.38 -2.33
CA ARG A 140 12.11 -9.33 -0.94
C ARG A 140 10.78 -8.59 -0.86
N LEU A 141 10.06 -8.53 -1.98
CA LEU A 141 8.78 -7.84 -2.04
C LEU A 141 7.78 -8.34 -1.00
N ALA A 142 8.06 -9.48 -0.40
CA ALA A 142 7.18 -10.03 0.62
C ALA A 142 7.36 -9.26 1.95
N PHE A 143 8.45 -8.48 2.06
CA PHE A 143 8.73 -7.70 3.27
C PHE A 143 8.73 -6.18 3.02
N VAL A 144 7.85 -5.44 3.69
CA VAL A 144 7.82 -3.99 3.50
C VAL A 144 9.00 -3.33 4.21
N LEU A 145 9.80 -2.56 3.47
CA LEU A 145 10.95 -1.90 4.07
C LEU A 145 11.53 -0.79 3.20
N GLU A 146 11.83 0.34 3.84
CA GLU A 146 12.39 1.46 3.10
C GLU A 146 13.77 1.82 3.64
N GLY A 147 14.71 2.08 2.73
CA GLY A 147 16.05 2.43 3.13
C GLY A 147 16.11 3.59 4.12
N GLY A 148 15.06 4.40 4.17
CA GLY A 148 15.04 5.52 5.11
C GLY A 148 15.06 5.07 6.57
N ALA A 149 14.57 3.85 6.82
CA ALA A 149 14.53 3.31 8.18
C ALA A 149 15.78 2.52 8.48
N LEU A 150 16.61 2.32 7.46
CA LEU A 150 17.84 1.55 7.64
C LEU A 150 19.08 2.41 7.86
N GLU A 151 20.01 1.88 8.67
CA GLU A 151 21.26 2.55 8.96
C GLU A 151 22.23 1.47 9.46
N THR A 152 23.38 1.36 8.81
CA THR A 152 24.36 0.36 9.20
C THR A 152 25.76 0.97 9.29
N ASP A 153 26.69 0.18 9.81
CA ASP A 153 28.07 0.60 9.98
C ASP A 153 28.96 -0.26 9.10
N GLY A 154 28.35 -1.26 8.47
CA GLY A 154 29.10 -2.17 7.62
C GLY A 154 29.77 -3.25 8.46
N GLU A 155 29.62 -3.14 9.77
CA GLU A 155 30.19 -4.09 10.71
C GLU A 155 29.16 -5.11 11.18
N GLY A 156 28.02 -5.15 10.51
CA GLY A 156 26.96 -6.07 10.88
C GLY A 156 25.96 -5.47 11.86
N THR A 157 26.05 -4.16 12.08
CA THR A 157 25.14 -3.48 13.00
C THR A 157 24.13 -2.62 12.24
N LEU A 158 22.90 -2.60 12.70
CA LEU A 158 21.84 -1.83 12.07
C LEU A 158 21.14 -0.99 13.15
N LEU A 159 20.84 0.26 12.80
CA LEU A 159 20.16 1.20 13.70
C LEU A 159 18.79 1.59 13.10
N THR A 160 17.70 1.31 13.82
CA THR A 160 16.39 1.69 13.29
C THR A 160 15.54 2.31 14.40
N THR A 161 14.22 2.22 14.25
CA THR A 161 13.32 2.79 15.23
C THR A 161 12.05 1.98 15.35
N ASP A 162 11.71 1.61 16.58
CA ASP A 162 10.51 0.83 16.83
C ASP A 162 9.25 1.43 16.24
N SER A 163 9.16 2.76 16.23
CA SER A 163 7.99 3.45 15.72
C SER A 163 7.77 3.25 14.23
N CYS A 164 8.81 2.80 13.55
CA CYS A 164 8.74 2.59 12.12
C CYS A 164 8.75 1.10 11.84
N LEU A 165 9.61 0.37 12.53
CA LEU A 165 9.72 -1.06 12.31
C LEU A 165 8.43 -1.80 12.71
N PHE A 166 7.71 -1.28 13.70
CA PHE A 166 6.49 -1.92 14.15
C PHE A 166 5.22 -1.17 13.79
N GLU A 167 5.25 -0.46 12.67
CA GLU A 167 4.10 0.29 12.17
C GLU A 167 3.04 -0.75 11.77
N PRO A 168 1.77 -0.52 12.12
CA PRO A 168 0.70 -1.46 11.79
C PRO A 168 0.44 -1.77 10.30
N ASN A 169 0.97 -0.94 9.40
CA ASN A 169 0.77 -1.17 7.98
C ASN A 169 2.07 -1.52 7.29
N ARG A 170 3.11 -1.83 8.07
CA ARG A 170 4.38 -2.21 7.50
C ARG A 170 4.35 -3.72 7.35
N ASN A 171 4.71 -4.42 8.43
CA ASN A 171 4.71 -5.89 8.44
C ASN A 171 3.95 -6.44 9.66
N ALA A 172 2.71 -5.99 9.85
CA ALA A 172 1.90 -6.45 10.98
C ALA A 172 1.59 -7.95 10.84
N GLY A 173 1.69 -8.47 9.62
CA GLY A 173 1.45 -9.88 9.42
C GLY A 173 2.50 -10.73 10.11
N LEU A 174 3.57 -10.06 10.55
CA LEU A 174 4.67 -10.72 11.24
C LEU A 174 4.76 -10.19 12.65
N SER A 175 5.37 -10.99 13.52
CA SER A 175 5.54 -10.62 14.92
C SER A 175 6.74 -9.72 15.09
N ARG A 176 6.75 -9.02 16.21
CA ARG A 176 7.84 -8.13 16.55
C ARG A 176 9.17 -8.87 16.30
N THR A 177 9.37 -10.00 16.96
CA THR A 177 10.62 -10.77 16.81
C THR A 177 10.85 -11.22 15.39
N ALA A 178 9.76 -11.57 14.72
CA ALA A 178 9.84 -12.02 13.34
C ALA A 178 10.46 -10.93 12.47
N ILE A 179 9.88 -9.73 12.51
CA ILE A 179 10.39 -8.61 11.71
C ILE A 179 11.91 -8.43 11.86
N ILE A 180 12.38 -8.47 13.10
CA ILE A 180 13.80 -8.32 13.40
C ILE A 180 14.64 -9.46 12.83
N ASP A 181 14.06 -10.65 12.74
CA ASP A 181 14.82 -11.76 12.18
C ASP A 181 14.92 -11.63 10.67
N THR A 182 13.97 -10.94 10.05
CA THR A 182 14.01 -10.76 8.60
C THR A 182 15.15 -9.79 8.27
N LEU A 183 15.33 -8.78 9.11
CA LEU A 183 16.37 -7.80 8.90
C LEU A 183 17.73 -8.47 9.01
N LYS A 184 17.89 -9.27 10.04
CA LYS A 184 19.13 -9.98 10.28
C LYS A 184 19.47 -10.89 9.12
N GLU A 185 18.45 -11.50 8.52
CA GLU A 185 18.65 -12.37 7.37
C GLU A 185 18.82 -11.60 6.05
N SER A 186 17.84 -10.73 5.77
CA SER A 186 17.85 -9.93 4.56
C SER A 186 19.07 -9.04 4.40
N LEU A 187 19.55 -8.48 5.50
CA LEU A 187 20.70 -7.59 5.48
C LEU A 187 21.97 -8.21 6.06
N GLY A 188 21.85 -9.41 6.64
CA GLY A 188 23.02 -10.06 7.19
C GLY A 188 23.56 -9.43 8.45
N VAL A 189 22.84 -8.46 9.01
CA VAL A 189 23.27 -7.79 10.22
C VAL A 189 23.10 -8.69 11.45
N SER A 190 24.12 -8.70 12.30
CA SER A 190 24.15 -9.51 13.52
C SER A 190 23.27 -8.92 14.60
N ARG A 191 23.32 -7.60 14.74
CA ARG A 191 22.54 -6.91 15.75
C ARG A 191 21.73 -5.74 15.22
N VAL A 192 20.51 -5.60 15.72
CA VAL A 192 19.64 -4.52 15.30
C VAL A 192 19.27 -3.69 16.52
N LEU A 193 19.81 -2.48 16.60
CA LEU A 193 19.53 -1.59 17.72
C LEU A 193 18.37 -0.68 17.36
N SER A 194 17.20 -0.92 17.96
CA SER A 194 16.01 -0.10 17.67
C SER A 194 15.66 0.88 18.77
N LEU A 195 15.64 2.17 18.42
CA LEU A 195 15.29 3.20 19.39
C LEU A 195 13.79 3.25 19.61
N ARG A 196 13.37 3.52 20.84
CA ARG A 196 11.94 3.63 21.14
C ARG A 196 11.57 5.08 21.43
N HIS A 197 12.53 5.96 21.21
CA HIS A 197 12.34 7.40 21.40
C HIS A 197 12.86 8.16 20.18
N GLY A 198 12.30 9.35 19.93
CA GLY A 198 12.75 10.15 18.81
C GLY A 198 11.79 10.24 17.64
N ALA A 199 11.52 11.47 17.21
CA ALA A 199 10.64 11.72 16.09
C ALA A 199 10.53 13.21 15.81
N LEU A 200 10.28 13.54 14.54
CA LEU A 200 10.15 14.92 14.13
C LEU A 200 8.69 15.29 13.95
N ALA A 201 8.39 16.53 14.30
CA ALA A 201 7.04 17.07 14.24
C ALA A 201 6.24 16.80 12.96
N GLY A 202 6.64 17.39 11.85
CA GLY A 202 5.90 17.17 10.62
C GLY A 202 6.23 15.87 9.89
N ASP A 203 6.92 14.97 10.59
CA ASP A 203 7.33 13.70 10.03
C ASP A 203 6.15 12.80 9.66
N ASP A 204 6.27 12.10 8.53
CA ASP A 204 5.22 11.20 8.07
C ASP A 204 5.74 9.80 7.80
N THR A 205 7.04 9.59 8.02
CA THR A 205 7.68 8.30 7.79
C THR A 205 7.60 7.44 9.05
N ASP A 206 6.94 7.95 10.07
CA ASP A 206 6.80 7.23 11.33
C ASP A 206 8.12 7.13 12.09
N GLY A 207 8.89 8.21 12.05
CA GLY A 207 10.16 8.28 12.74
C GLY A 207 11.33 7.56 12.12
N HIS A 208 11.60 7.81 10.84
CA HIS A 208 12.76 7.16 10.20
C HIS A 208 14.06 7.59 10.89
N ILE A 209 14.93 6.62 11.17
CA ILE A 209 16.22 6.89 11.80
C ILE A 209 16.93 7.89 10.91
N ASP A 210 16.56 7.85 9.63
CA ASP A 210 17.09 8.71 8.58
C ASP A 210 17.04 10.19 9.00
N THR A 211 16.22 10.50 9.98
CA THR A 211 16.08 11.89 10.37
C THR A 211 16.48 12.18 11.82
N LEU A 212 17.18 11.23 12.44
CA LEU A 212 17.58 11.36 13.84
C LEU A 212 19.05 11.02 14.09
N ALA A 213 19.38 9.74 14.17
CA ALA A 213 20.75 9.35 14.39
C ALA A 213 21.31 8.84 13.06
N ARG A 214 22.62 9.00 12.89
CA ARG A 214 23.25 8.60 11.64
C ARG A 214 24.67 8.10 11.87
N PHE A 215 25.08 7.08 11.10
CA PHE A 215 26.45 6.54 11.21
C PHE A 215 27.37 7.32 10.26
N VAL A 216 28.40 7.97 10.82
CA VAL A 216 29.37 8.73 10.00
C VAL A 216 30.63 7.89 9.79
N ASP A 217 30.91 7.01 10.75
CA ASP A 217 32.03 6.06 10.69
C ASP A 217 31.69 4.87 11.59
N THR A 218 32.44 3.78 11.46
CA THR A 218 32.19 2.58 12.24
C THR A 218 32.17 2.80 13.75
N ARG A 219 32.58 3.96 14.22
CA ARG A 219 32.60 4.22 15.65
C ARG A 219 32.05 5.57 16.08
N THR A 220 31.28 6.20 15.21
CA THR A 220 30.70 7.50 15.53
C THR A 220 29.26 7.62 15.05
N ILE A 221 28.46 8.38 15.80
CA ILE A 221 27.07 8.58 15.47
C ILE A 221 26.70 10.05 15.61
N VAL A 222 26.16 10.65 14.56
CA VAL A 222 25.72 12.04 14.65
C VAL A 222 24.23 11.94 14.94
N TYR A 223 23.74 12.77 15.85
CA TYR A 223 22.33 12.73 16.20
C TYR A 223 21.76 14.10 16.48
N VAL A 224 20.45 14.21 16.32
CA VAL A 224 19.76 15.46 16.55
C VAL A 224 19.65 15.71 18.04
N ARG A 225 20.28 16.80 18.47
CA ARG A 225 20.33 17.21 19.86
C ARG A 225 19.32 18.30 20.15
N SER A 226 18.63 18.14 21.27
CA SER A 226 17.64 19.11 21.71
C SER A 226 18.16 19.78 22.97
N GLU A 227 18.21 21.10 22.97
CA GLU A 227 18.69 21.82 24.12
C GLU A 227 17.73 22.90 24.60
N ASP A 228 16.46 22.73 24.27
CA ASP A 228 15.44 23.69 24.71
C ASP A 228 14.26 22.92 25.31
N PRO A 229 14.24 22.79 26.64
CA PRO A 229 13.17 22.08 27.34
C PRO A 229 11.77 22.66 27.17
N SER A 230 11.69 23.86 26.61
CA SER A 230 10.39 24.51 26.41
C SER A 230 9.75 24.06 25.10
N ASP A 231 10.52 23.36 24.27
CA ASP A 231 10.04 22.86 22.98
C ASP A 231 9.36 21.51 23.14
N GLU A 232 8.53 21.14 22.17
CA GLU A 232 7.82 19.86 22.22
C GLU A 232 8.67 18.64 21.85
N HIS A 233 9.87 18.90 21.33
CA HIS A 233 10.80 17.85 20.92
C HIS A 233 11.84 17.49 22.00
N TYR A 234 12.00 18.37 22.99
CA TYR A 234 12.98 18.14 24.05
C TYR A 234 12.77 16.82 24.77
N SER A 235 11.56 16.62 25.31
CA SER A 235 11.22 15.40 26.04
C SER A 235 11.59 14.14 25.27
N ASP A 236 11.13 14.05 24.03
CA ASP A 236 11.41 12.88 23.23
C ASP A 236 12.89 12.74 22.82
N LEU A 237 13.50 13.82 22.30
CA LEU A 237 14.90 13.79 21.88
C LEU A 237 15.91 13.49 22.98
N THR A 238 15.72 14.10 24.15
CA THR A 238 16.63 13.85 25.24
C THR A 238 16.61 12.38 25.65
N ALA A 239 15.43 11.76 25.59
CA ALA A 239 15.32 10.36 25.96
C ALA A 239 16.06 9.53 24.94
N GLU A 241 18.53 10.41 23.23
CA GLU A 241 19.95 10.64 23.50
C GLU A 241 20.49 9.60 24.45
N GLN A 242 19.70 9.26 25.46
CA GLN A 242 20.15 8.25 26.42
C GLN A 242 20.27 6.90 25.75
N GLU A 243 19.28 6.51 24.95
CA GLU A 243 19.34 5.23 24.26
C GLU A 243 20.64 5.05 23.50
N LEU A 244 21.01 6.11 22.77
CA LEU A 244 22.24 6.13 21.97
C LEU A 244 23.47 5.97 22.87
N LYS A 245 23.38 6.55 24.07
CA LYS A 245 24.43 6.51 25.07
C LYS A 245 24.61 5.08 25.61
N GLU A 246 23.51 4.33 25.66
CA GLU A 246 23.54 2.95 26.13
C GLU A 246 24.17 2.05 25.07
N LEU A 247 23.98 2.38 23.79
CA LEU A 247 24.53 1.57 22.70
C LEU A 247 26.03 1.34 22.81
N ARG A 248 26.50 0.23 22.25
CA ARG A 248 27.93 -0.10 22.28
C ARG A 248 28.36 -0.77 20.97
N ARG A 249 29.57 -0.47 20.52
CA ARG A 249 30.10 -1.07 19.29
C ARG A 249 30.17 -2.59 19.46
N PRO A 250 30.30 -3.33 18.33
CA PRO A 250 30.38 -4.79 18.39
C PRO A 250 31.53 -5.29 19.25
N ASP A 251 32.48 -4.40 19.52
CA ASP A 251 33.64 -4.75 20.33
C ASP A 251 33.50 -4.27 21.79
N GLY A 252 32.27 -3.95 22.19
CA GLY A 252 32.05 -3.49 23.55
C GLY A 252 32.08 -1.99 23.77
N GLN A 253 33.16 -1.36 23.31
CA GLN A 253 33.33 0.08 23.46
C GLN A 253 32.06 0.85 23.08
N PRO A 254 31.81 1.99 23.73
CA PRO A 254 30.63 2.80 23.43
C PRO A 254 30.86 3.65 22.18
N TYR A 255 29.78 4.02 21.48
CA TYR A 255 29.92 4.83 20.27
C TYR A 255 30.24 6.28 20.61
N ARG A 256 30.91 6.95 19.68
CA ARG A 256 31.25 8.36 19.83
C ARG A 256 29.98 9.08 19.38
N LEU A 257 29.40 9.86 20.28
CA LEU A 257 28.16 10.57 20.01
C LEU A 257 28.33 12.07 19.79
N VAL A 258 28.35 12.49 18.54
CA VAL A 258 28.51 13.91 18.24
C VAL A 258 27.13 14.51 17.96
N PRO A 259 26.70 15.46 18.80
CA PRO A 259 25.40 16.11 18.61
C PRO A 259 25.28 17.00 17.37
N LEU A 260 24.04 17.12 16.88
CA LEU A 260 23.73 17.94 15.71
C LEU A 260 22.63 18.88 16.20
N PRO A 261 22.63 20.14 15.74
CA PRO A 261 21.62 21.11 16.15
C PRO A 261 20.20 20.87 15.64
N ALA A 263 17.13 21.48 13.98
CA ALA A 263 16.82 22.45 12.95
C ALA A 263 15.84 23.51 13.43
N GLU A 264 16.17 24.78 13.21
CA GLU A 264 15.32 25.90 13.59
C GLU A 264 13.87 25.68 13.12
N ALA A 265 12.92 26.07 13.96
CA ALA A 265 11.51 25.89 13.62
C ALA A 265 11.18 26.55 12.29
N LEU A 266 10.92 25.73 11.29
CA LEU A 266 10.60 26.21 9.96
C LEU A 266 9.40 25.48 9.41
N TYR A 267 8.36 26.22 9.02
CA TYR A 267 7.17 25.60 8.47
C TYR A 267 6.33 26.56 7.67
N ASP A 268 5.47 26.01 6.82
CA ASP A 268 4.60 26.82 5.98
C ASP A 268 3.12 26.65 6.34
N GLY A 269 2.45 27.79 6.48
CA GLY A 269 1.06 27.78 6.86
C GLY A 269 0.96 27.63 8.36
N ALA A 270 0.44 26.50 8.82
CA ALA A 270 0.31 26.25 10.24
C ALA A 270 1.00 24.94 10.58
N ASP A 271 1.17 24.10 9.56
CA ASP A 271 1.80 22.80 9.71
C ASP A 271 3.30 22.92 9.84
N ARG A 272 3.85 22.42 10.94
CA ARG A 272 5.28 22.49 11.15
C ARG A 272 5.99 21.49 10.24
N LEU A 273 7.11 21.91 9.64
CA LEU A 273 7.89 21.05 8.76
C LEU A 273 8.97 20.31 9.50
N PRO A 274 9.22 19.05 9.12
CA PRO A 274 10.24 18.20 9.76
C PRO A 274 11.66 18.42 9.24
N ALA A 275 12.19 19.63 9.38
CA ALA A 275 13.54 19.92 8.92
C ALA A 275 14.58 19.22 9.80
N THR A 276 15.60 18.63 9.17
CA THR A 276 16.65 17.92 9.92
C THR A 276 18.00 18.02 9.24
N TYR A 277 19.05 18.21 10.03
CA TYR A 277 20.39 18.28 9.49
C TYR A 277 20.99 16.88 9.47
N ALA A 278 20.32 15.92 10.11
CA ALA A 278 20.82 14.55 10.15
C ALA A 278 20.60 13.89 8.80
N ASN A 279 19.71 14.47 8.02
CA ASN A 279 19.36 13.93 6.71
C ASN A 279 20.32 14.29 5.57
N PHE A 280 21.61 14.09 5.77
CA PHE A 280 22.61 14.38 4.74
C PHE A 280 22.87 13.17 3.87
N LEU A 281 23.69 13.33 2.83
CA LEU A 281 24.03 12.25 1.91
C LEU A 281 25.55 12.20 1.70
N ILE A 282 26.15 11.05 2.00
CA ILE A 282 27.58 10.85 1.83
C ILE A 282 27.89 10.21 0.48
N ILE A 283 28.69 10.90 -0.33
CA ILE A 283 29.09 10.41 -1.65
C ILE A 283 30.59 10.50 -1.77
N ASN A 284 31.13 9.82 -2.77
CA ASN A 284 32.56 9.82 -2.99
C ASN A 284 33.14 11.23 -2.94
N GLY A 285 33.91 11.49 -1.88
CA GLY A 285 34.54 12.79 -1.72
C GLY A 285 33.65 13.99 -1.44
N ALA A 286 32.49 13.78 -0.83
CA ALA A 286 31.64 14.92 -0.54
C ALA A 286 30.52 14.54 0.42
N VAL A 287 29.97 15.55 1.07
CA VAL A 287 28.87 15.34 1.99
C VAL A 287 27.80 16.39 1.76
N LEU A 288 26.69 15.96 1.15
CA LEU A 288 25.57 16.84 0.87
C LEU A 288 24.68 16.97 2.11
N VAL A 289 24.58 18.19 2.60
CA VAL A 289 23.79 18.48 3.78
C VAL A 289 22.68 19.47 3.42
N PRO A 290 21.50 19.34 4.04
CA PRO A 290 20.36 20.25 3.77
C PRO A 290 20.48 21.62 4.43
N THR A 291 19.96 22.64 3.74
CA THR A 291 19.98 24.04 4.18
C THR A 291 18.54 24.51 4.37
N TYR A 292 18.29 25.28 5.42
CA TYR A 292 16.95 25.78 5.67
C TYR A 292 16.95 27.28 5.91
N ASP A 293 17.97 27.96 5.38
CA ASP A 293 18.13 29.40 5.54
C ASP A 293 17.97 29.77 7.01
N SER A 294 18.85 29.19 7.83
CA SER A 294 18.86 29.42 9.26
C SER A 294 20.31 29.57 9.74
N HIS A 295 20.53 30.37 10.78
CA HIS A 295 21.89 30.55 11.28
C HIS A 295 22.46 29.22 11.79
N LEU A 296 21.65 28.17 11.81
CA LEU A 296 22.14 26.87 12.26
C LEU A 296 22.68 26.06 11.11
N ASP A 297 22.21 26.31 9.89
CA ASP A 297 22.73 25.52 8.80
C ASP A 297 24.16 25.95 8.48
N ALA A 298 24.81 26.61 9.44
CA ALA A 298 26.18 27.07 9.31
C ALA A 298 27.00 26.29 10.34
N VAL A 299 26.35 26.00 11.47
CA VAL A 299 26.96 25.25 12.55
C VAL A 299 26.99 23.77 12.16
N ALA A 300 25.89 23.29 11.57
CA ALA A 300 25.75 21.89 11.15
C ALA A 300 26.73 21.53 10.05
N LEU A 301 26.97 22.47 9.15
CA LEU A 301 27.92 22.24 8.06
C LEU A 301 29.32 22.06 8.64
N SER A 302 29.68 22.94 9.57
CA SER A 302 30.97 22.91 10.24
C SER A 302 31.24 21.57 10.91
N VAL A 303 30.38 21.19 11.85
CA VAL A 303 30.52 19.91 12.54
C VAL A 303 30.66 18.78 11.53
N GLN A 305 31.78 19.03 8.42
CA GLN A 305 33.06 19.16 7.74
C GLN A 305 34.15 18.55 8.62
N GLY A 306 33.97 18.64 9.93
CA GLY A 306 34.94 18.10 10.86
C GLY A 306 35.01 16.58 10.83
N LEU A 307 33.84 15.93 10.85
CA LEU A 307 33.73 14.48 10.83
C LEU A 307 34.26 13.89 9.53
N PHE A 308 34.21 14.69 8.48
CA PHE A 308 34.68 14.30 7.17
C PHE A 308 35.75 15.26 6.65
N PRO A 309 36.91 15.29 7.32
CA PRO A 309 38.02 16.17 6.95
C PRO A 309 38.71 15.64 5.71
N ASP A 310 37.98 14.86 4.92
CA ASP A 310 38.53 14.27 3.70
C ASP A 310 37.53 14.33 2.56
N ARG A 311 36.55 15.22 2.68
CA ARG A 311 35.51 15.37 1.67
C ARG A 311 35.00 16.81 1.65
N GLU A 312 34.46 17.20 0.49
CA GLU A 312 33.91 18.54 0.28
C GLU A 312 32.51 18.59 0.92
N VAL A 313 32.24 19.61 1.73
CA VAL A 313 30.94 19.72 2.38
C VAL A 313 30.05 20.75 1.67
N ILE A 314 29.13 20.26 0.85
CA ILE A 314 28.22 21.11 0.09
C ILE A 314 26.85 21.25 0.78
N GLY A 315 26.34 22.47 0.85
CA GLY A 315 25.04 22.67 1.47
C GLY A 315 23.97 23.07 0.47
N ILE A 316 22.94 22.24 0.31
CA ILE A 316 21.86 22.54 -0.63
C ILE A 316 20.61 22.98 0.15
N ASP A 317 19.97 24.07 -0.28
CA ASP A 317 18.76 24.52 0.41
C ASP A 317 17.65 23.51 0.16
N CYS A 318 17.20 22.85 1.21
CA CYS A 318 16.16 21.85 1.08
C CYS A 318 14.83 22.24 1.70
N ARG A 319 14.55 23.54 1.74
CA ARG A 319 13.30 24.00 2.28
C ARG A 319 12.12 23.45 1.50
N PRO A 320 12.16 23.56 0.15
CA PRO A 320 11.07 23.05 -0.68
C PRO A 320 10.82 21.55 -0.49
N LEU A 321 11.91 20.79 -0.48
CA LEU A 321 11.82 19.35 -0.29
C LEU A 321 11.02 19.04 0.98
N VAL A 322 11.30 19.82 2.02
CA VAL A 322 10.66 19.70 3.33
C VAL A 322 9.18 20.07 3.33
N LYS A 323 8.76 20.89 2.37
CA LYS A 323 7.36 21.30 2.29
C LYS A 323 6.49 20.05 2.23
N GLN A 324 7.04 19.01 1.60
CA GLN A 324 6.35 17.73 1.47
C GLN A 324 6.91 16.72 2.46
N HIS A 325 7.39 17.24 3.59
CA HIS A 325 7.92 16.42 4.67
C HIS A 325 9.03 15.47 4.18
N GLY A 326 10.22 15.99 3.97
CA GLY A 326 11.30 15.13 3.52
C GLY A 326 12.50 15.94 3.11
N SER A 327 13.70 15.48 3.44
CA SER A 327 14.89 16.23 3.08
C SER A 327 15.78 15.56 2.03
N LEU A 328 16.97 16.12 1.82
CA LEU A 328 17.92 15.63 0.83
C LEU A 328 18.08 14.12 0.78
N HIS A 329 18.63 13.55 1.85
CA HIS A 329 18.87 12.11 1.89
C HIS A 329 17.69 11.22 1.47
N CYS A 330 16.47 11.67 1.74
CA CYS A 330 15.27 10.90 1.40
C CYS A 330 14.96 10.77 -0.08
N VAL A 331 15.60 11.59 -0.92
CA VAL A 331 15.32 11.52 -2.34
C VAL A 331 16.46 10.88 -3.07
N THR A 332 17.46 10.46 -2.32
CA THR A 332 18.63 9.85 -2.92
C THR A 332 18.82 8.40 -2.52
N GLN A 334 22.37 5.72 -2.97
CA GLN A 334 23.70 5.41 -3.49
C GLN A 334 23.88 3.93 -3.79
N TYR A 335 24.68 3.65 -4.81
CA TYR A 335 24.98 2.29 -5.22
C TYR A 335 26.50 2.14 -5.24
N PRO A 336 27.04 1.15 -4.52
CA PRO A 336 28.49 0.92 -4.47
C PRO A 336 29.11 0.72 -5.85
N GLN A 337 30.37 1.13 -6.03
CA GLN A 337 31.03 0.99 -7.31
C GLN A 337 31.03 -0.47 -7.73
N GLY A 338 30.75 -0.71 -9.00
CA GLY A 338 30.71 -2.07 -9.50
C GLY A 338 29.31 -2.68 -9.57
N PHE A 339 28.31 -1.88 -9.22
CA PHE A 339 26.92 -2.33 -9.27
C PHE A 339 26.21 -1.78 -10.49
N ILE A 340 26.72 -0.68 -11.04
CA ILE A 340 26.10 -0.09 -12.21
C ILE A 340 26.91 -0.39 -13.49
N ARG A 341 26.23 -0.39 -14.64
CA ARG A 341 26.89 -0.63 -15.90
C ARG A 341 27.55 0.65 -16.40
N LYS B 3 -8.17 -27.62 9.20
CA LYS B 3 -9.50 -27.91 8.56
C LYS B 3 -10.35 -26.65 8.44
N ARG B 4 -10.43 -26.12 7.23
CA ARG B 4 -11.20 -24.90 6.99
C ARG B 4 -12.27 -25.01 5.89
N LEU B 5 -13.21 -24.06 5.91
CA LEU B 5 -14.29 -24.02 4.93
C LEU B 5 -14.66 -22.56 4.67
N PHE B 6 -14.59 -22.16 3.40
CA PHE B 6 -14.92 -20.80 3.00
C PHE B 6 -16.41 -20.72 2.65
N LEU B 7 -17.19 -20.13 3.54
CA LEU B 7 -18.63 -20.02 3.35
C LEU B 7 -19.05 -19.25 2.11
N PRO B 8 -20.11 -19.73 1.44
CA PRO B 8 -20.61 -19.04 0.25
C PRO B 8 -21.45 -17.85 0.66
N GLU B 9 -21.72 -16.92 -0.25
CA GLU B 9 -22.49 -15.73 0.08
C GLU B 9 -23.94 -16.03 0.49
N TRP B 10 -24.62 -16.87 -0.29
CA TRP B 10 -26.02 -17.23 -0.03
C TRP B 10 -26.29 -17.94 1.31
N ALA B 11 -25.23 -18.38 2.00
CA ALA B 11 -25.36 -19.04 3.29
C ALA B 11 -26.08 -18.09 4.24
N PRO B 12 -26.85 -18.62 5.20
CA PRO B 12 -27.56 -17.73 6.14
C PRO B 12 -26.67 -16.69 6.81
N GLN B 13 -27.10 -15.44 6.70
CA GLN B 13 -26.33 -14.35 7.26
C GLN B 13 -26.80 -13.86 8.62
N GLU B 14 -25.89 -13.21 9.31
CA GLU B 14 -26.12 -12.64 10.64
C GLU B 14 -26.22 -11.13 10.49
N ALA B 15 -25.48 -10.60 9.53
CA ALA B 15 -25.45 -9.17 9.23
C ALA B 15 -24.53 -8.82 8.06
N VAL B 16 -24.60 -7.57 7.63
CA VAL B 16 -23.78 -7.06 6.54
C VAL B 16 -23.06 -5.77 6.97
N GLN B 17 -21.76 -5.73 6.73
CA GLN B 17 -20.93 -4.57 7.07
C GLN B 17 -20.90 -3.57 5.93
N LEU B 18 -20.88 -2.29 6.27
CA LEU B 18 -20.80 -1.25 5.27
C LEU B 18 -19.83 -0.20 5.82
N THR B 19 -18.98 0.35 4.96
CA THR B 19 -18.07 1.38 5.37
C THR B 19 -18.61 2.64 4.71
N TRP B 20 -19.22 3.49 5.53
CA TRP B 20 -19.83 4.74 5.08
C TRP B 20 -18.78 5.67 4.51
N PRO B 21 -19.14 6.48 3.51
CA PRO B 21 -18.14 7.40 2.94
C PRO B 21 -17.65 8.39 4.02
N HIS B 22 -16.33 8.47 4.20
CA HIS B 22 -15.70 9.35 5.20
C HIS B 22 -15.92 10.84 4.91
N ASP B 23 -15.87 11.22 3.65
CA ASP B 23 -16.06 12.60 3.23
C ASP B 23 -17.22 13.26 3.97
N ARG B 24 -18.39 12.64 3.87
CA ARG B 24 -19.60 13.17 4.49
C ARG B 24 -19.43 13.37 5.99
N THR B 25 -19.59 14.61 6.44
CA THR B 25 -19.43 14.89 7.84
C THR B 25 -20.07 16.24 8.14
N ASP B 26 -20.31 17.00 7.08
CA ASP B 26 -20.91 18.32 7.22
C ASP B 26 -22.43 18.25 7.22
N TRP B 27 -23.04 19.24 7.88
CA TRP B 27 -24.49 19.37 7.98
C TRP B 27 -25.07 19.89 6.68
N ALA B 28 -26.26 19.40 6.33
CA ALA B 28 -26.92 19.82 5.11
C ALA B 28 -28.41 19.44 5.12
N TYR B 29 -29.17 20.15 4.29
CA TYR B 29 -30.60 19.92 4.18
C TYR B 29 -30.94 18.65 3.39
N LEU B 31 -29.24 15.19 0.82
CA LEU B 31 -28.17 14.21 0.81
C LEU B 31 -27.69 14.07 -0.62
N ASP B 32 -26.39 13.87 -0.80
CA ASP B 32 -25.80 13.70 -2.12
C ASP B 32 -26.24 12.38 -2.78
N GLU B 33 -26.14 12.32 -4.09
CA GLU B 33 -26.51 11.13 -4.87
C GLU B 33 -25.88 9.83 -4.36
N VAL B 34 -24.65 9.93 -3.88
CA VAL B 34 -23.92 8.76 -3.38
C VAL B 34 -24.35 8.33 -2.00
N GLU B 35 -24.56 9.28 -1.10
CA GLU B 35 -24.96 8.91 0.25
C GLU B 35 -26.40 8.38 0.27
N THR B 36 -27.24 8.87 -0.65
CA THR B 36 -28.61 8.38 -0.72
C THR B 36 -28.54 6.94 -1.21
N CYS B 37 -27.49 6.62 -1.97
CA CYS B 37 -27.29 5.26 -2.47
C CYS B 37 -26.99 4.34 -1.27
N PHE B 38 -26.02 4.72 -0.43
CA PHE B 38 -25.68 3.92 0.76
C PHE B 38 -26.89 3.78 1.68
N VAL B 39 -27.70 4.84 1.78
CA VAL B 39 -28.90 4.79 2.62
C VAL B 39 -29.85 3.73 2.01
N ARG B 40 -29.89 3.68 0.69
CA ARG B 40 -30.73 2.72 0.00
C ARG B 40 -30.24 1.30 0.30
N ILE B 41 -28.94 1.07 0.18
CA ILE B 41 -28.37 -0.23 0.44
C ILE B 41 -28.55 -0.60 1.91
N ALA B 42 -28.12 0.30 2.78
CA ALA B 42 -28.23 0.11 4.23
C ALA B 42 -29.66 -0.16 4.66
N THR B 43 -30.62 0.47 3.97
CA THR B 43 -32.05 0.29 4.26
C THR B 43 -32.54 -1.05 3.69
N ALA B 44 -31.91 -1.53 2.62
CA ALA B 44 -32.33 -2.81 2.05
C ALA B 44 -31.89 -3.93 2.97
N ILE B 45 -30.69 -3.80 3.51
CA ILE B 45 -30.14 -4.82 4.39
C ILE B 45 -30.78 -4.79 5.77
N LEU B 46 -30.92 -3.60 6.35
CA LEU B 46 -31.53 -3.47 7.65
C LEU B 46 -32.96 -4.01 7.71
N ARG B 47 -33.57 -4.17 6.55
CA ARG B 47 -34.94 -4.67 6.49
C ARG B 47 -35.00 -6.21 6.55
N HIS B 48 -33.88 -6.87 6.30
CA HIS B 48 -33.80 -8.35 6.35
C HIS B 48 -32.89 -8.86 7.45
N GLU B 49 -31.84 -8.12 7.78
CA GLU B 49 -30.92 -8.57 8.82
C GLU B 49 -30.19 -7.40 9.46
N ARG B 50 -29.31 -7.71 10.40
CA ARG B 50 -28.57 -6.66 11.07
C ARG B 50 -27.60 -5.95 10.11
N LEU B 51 -27.19 -4.74 10.48
CA LEU B 51 -26.27 -3.93 9.68
C LEU B 51 -25.14 -3.35 10.54
N ILE B 52 -23.91 -3.43 10.02
CA ILE B 52 -22.74 -2.89 10.71
C ILE B 52 -22.28 -1.69 9.89
N VAL B 53 -21.88 -0.62 10.56
CA VAL B 53 -21.45 0.57 9.84
C VAL B 53 -20.18 1.22 10.40
N VAL B 54 -19.18 1.42 9.52
CA VAL B 54 -17.95 2.09 9.93
C VAL B 54 -18.10 3.50 9.41
N CYS B 55 -18.22 4.45 10.32
CA CYS B 55 -18.42 5.84 9.92
C CYS B 55 -17.64 6.79 10.81
N PRO B 56 -17.59 8.07 10.44
CA PRO B 56 -16.90 9.14 11.16
C PRO B 56 -17.66 9.63 12.40
N ASP B 57 -18.97 9.38 12.43
CA ASP B 57 -19.80 9.75 13.59
C ASP B 57 -21.18 9.10 13.52
N ARG B 58 -21.55 8.40 14.58
CA ARG B 58 -22.83 7.71 14.62
C ARG B 58 -24.02 8.61 14.37
N LYS B 59 -23.94 9.86 14.80
CA LYS B 59 -25.05 10.78 14.65
C LYS B 59 -25.57 10.89 13.21
N ARG B 60 -24.69 10.99 12.22
CA ARG B 60 -25.16 11.08 10.84
C ARG B 60 -25.91 9.82 10.42
N VAL B 61 -25.28 8.65 10.60
CA VAL B 61 -25.89 7.39 10.21
C VAL B 61 -27.27 7.21 10.82
N PHE B 62 -27.34 7.10 12.15
CA PHE B 62 -28.63 6.95 12.82
C PHE B 62 -29.60 8.05 12.37
N GLY B 63 -29.05 9.22 12.09
CA GLY B 63 -29.87 10.33 11.66
C GLY B 63 -30.42 10.16 10.26
N LEU B 64 -29.74 9.37 9.43
CA LEU B 64 -30.17 9.17 8.05
C LEU B 64 -31.01 7.89 7.84
N LEU B 65 -30.61 6.81 8.49
CA LEU B 65 -31.33 5.55 8.36
C LEU B 65 -32.62 5.61 9.16
N PRO B 66 -33.67 4.88 8.71
CA PRO B 66 -34.99 4.82 9.33
C PRO B 66 -35.02 4.67 10.84
N PRO B 67 -35.87 5.45 11.50
CA PRO B 67 -35.97 5.41 12.95
C PRO B 67 -36.48 4.09 13.50
N GLU B 68 -36.13 3.86 14.76
CA GLU B 68 -36.54 2.67 15.48
C GLU B 68 -36.38 1.36 14.70
N LEU B 69 -35.44 1.36 13.76
CA LEU B 69 -35.09 0.17 13.00
C LEU B 69 -33.60 0.09 13.36
N HIS B 70 -33.22 1.04 14.21
CA HIS B 70 -31.87 1.20 14.70
C HIS B 70 -31.36 0.03 15.55
N HIS B 71 -32.27 -0.74 16.13
CA HIS B 71 -31.88 -1.86 16.97
C HIS B 71 -31.12 -2.91 16.15
N ARG B 72 -31.21 -2.83 14.83
CA ARG B 72 -30.46 -3.77 14.02
C ARG B 72 -29.19 -3.10 13.53
N LEU B 73 -28.98 -1.86 13.96
CA LEU B 73 -27.82 -1.08 13.54
C LEU B 73 -26.69 -1.02 14.56
N TYR B 74 -25.50 -1.38 14.11
CA TYR B 74 -24.32 -1.33 14.94
C TYR B 74 -23.32 -0.38 14.28
N CYS B 75 -23.12 0.79 14.88
CA CYS B 75 -22.20 1.78 14.37
C CYS B 75 -20.85 1.75 15.08
N PHE B 76 -19.78 1.88 14.29
CA PHE B 76 -18.43 1.91 14.84
C PHE B 76 -17.73 3.10 14.23
N GLU B 77 -17.32 4.02 15.09
CA GLU B 77 -16.63 5.23 14.66
C GLU B 77 -15.16 4.88 14.47
N LEU B 78 -14.75 4.82 13.21
CA LEU B 78 -13.38 4.50 12.90
C LEU B 78 -13.03 5.17 11.60
N PRO B 79 -11.76 5.53 11.43
CA PRO B 79 -11.33 6.18 10.20
C PRO B 79 -11.25 5.20 9.02
N SER B 80 -11.51 5.72 7.82
CA SER B 80 -11.46 4.90 6.63
C SER B 80 -11.02 5.76 5.42
N ASN B 81 -10.54 5.13 4.36
CA ASN B 81 -10.10 5.87 3.19
C ASN B 81 -11.12 5.77 2.06
N ASP B 82 -11.89 4.70 2.06
CA ASP B 82 -12.87 4.49 1.02
C ASP B 82 -14.01 3.62 1.55
N THR B 83 -14.97 3.30 0.69
CA THR B 83 -16.14 2.52 1.09
C THR B 83 -16.17 1.07 0.60
N TRP B 84 -15.04 0.53 0.18
CA TRP B 84 -15.04 -0.83 -0.34
C TRP B 84 -14.89 -1.93 0.72
N ALA B 85 -15.89 -2.05 1.59
CA ALA B 85 -15.88 -3.06 2.66
C ALA B 85 -15.64 -4.48 2.14
N ARG B 86 -16.00 -4.71 0.89
CA ARG B 86 -15.85 -6.00 0.22
C ARG B 86 -14.38 -6.41 -0.01
N ASP B 87 -13.51 -5.43 -0.23
CA ASP B 87 -12.11 -5.72 -0.45
C ASP B 87 -11.24 -5.56 0.81
N HIS B 88 -11.73 -4.89 1.84
CA HIS B 88 -10.90 -4.80 3.04
C HIS B 88 -11.53 -5.48 4.27
N GLY B 89 -12.78 -5.92 4.15
CA GLY B 89 -13.41 -6.59 5.27
C GLY B 89 -12.85 -7.98 5.57
N GLY B 90 -13.16 -8.48 6.77
CA GLY B 90 -12.66 -9.79 7.17
C GLY B 90 -13.39 -10.92 6.48
N ILE B 91 -12.65 -11.98 6.16
CA ILE B 91 -13.23 -13.14 5.51
C ILE B 91 -13.72 -14.13 6.54
N SER B 92 -15.01 -14.42 6.49
CA SER B 92 -15.64 -15.35 7.42
C SER B 92 -15.47 -16.80 6.98
N LEU B 93 -15.08 -17.68 7.90
CA LEU B 93 -14.91 -19.09 7.56
C LEU B 93 -15.02 -19.98 8.79
N LEU B 94 -15.09 -21.29 8.57
CA LEU B 94 -15.18 -22.22 9.67
C LEU B 94 -13.86 -22.98 9.80
N ALA B 95 -13.40 -23.12 11.03
CA ALA B 95 -12.16 -23.84 11.34
C ALA B 95 -12.51 -24.89 12.39
N ASP B 96 -12.43 -26.16 12.04
CA ASP B 96 -12.77 -27.20 12.99
C ASP B 96 -14.19 -26.96 13.47
N GLY B 97 -15.04 -26.52 12.56
CA GLY B 97 -16.43 -26.27 12.91
C GLY B 97 -16.71 -24.95 13.57
N ARG B 98 -15.68 -24.21 13.96
CA ARG B 98 -15.89 -22.92 14.61
C ARG B 98 -15.70 -21.69 13.70
N PRO B 99 -16.48 -20.64 13.94
CA PRO B 99 -16.42 -19.39 13.16
C PRO B 99 -15.10 -18.67 13.38
N ILE B 101 -12.35 -15.49 11.61
CA ILE B 101 -12.23 -14.35 10.72
C ILE B 101 -10.80 -14.18 10.19
N ALA B 102 -10.64 -14.27 8.89
CA ALA B 102 -9.35 -14.11 8.26
C ALA B 102 -9.23 -12.64 7.90
N ASP B 103 -8.24 -11.99 8.50
CA ASP B 103 -7.96 -10.58 8.30
C ASP B 103 -6.82 -10.46 7.33
N PHE B 104 -7.15 -10.48 6.04
CA PHE B 104 -6.15 -10.36 4.99
C PHE B 104 -5.78 -8.90 4.84
N ALA B 105 -4.69 -8.66 4.13
CA ALA B 105 -4.20 -7.31 3.89
C ALA B 105 -4.78 -6.65 2.64
N PHE B 106 -5.16 -5.39 2.80
CA PHE B 106 -5.69 -4.60 1.70
C PHE B 106 -4.77 -3.40 1.54
N ASN B 107 -4.15 -3.26 0.37
CA ASN B 107 -3.24 -2.14 0.11
C ASN B 107 -3.64 -1.24 -1.05
N GLY B 108 -4.92 -0.89 -1.14
CA GLY B 108 -5.37 0.00 -2.20
C GLY B 108 -5.40 -0.58 -3.60
N TRP B 109 -5.60 -1.89 -3.69
CA TRP B 109 -5.68 -2.58 -4.97
C TRP B 109 -4.35 -2.49 -5.72
N GLY B 110 -3.29 -2.92 -5.03
CA GLY B 110 -1.98 -2.89 -5.63
C GLY B 110 -1.30 -1.56 -5.42
N LYS B 112 -2.67 1.50 -5.55
CA LYS B 112 -3.19 2.58 -6.40
C LYS B 112 -3.71 3.75 -5.56
N PHE B 113 -4.23 3.45 -4.39
CA PHE B 113 -4.73 4.52 -3.55
C PHE B 113 -4.40 4.25 -2.11
N ALA B 114 -4.12 5.31 -1.37
CA ALA B 114 -3.80 5.21 0.05
C ALA B 114 -4.86 4.33 0.72
N ALA B 115 -4.43 3.50 1.67
CA ALA B 115 -5.34 2.61 2.40
C ALA B 115 -4.88 2.40 3.85
N HIS B 116 -4.04 3.29 4.35
CA HIS B 116 -3.52 3.19 5.72
C HIS B 116 -4.63 3.08 6.78
N HIS B 117 -5.86 3.50 6.44
CA HIS B 117 -6.97 3.40 7.39
C HIS B 117 -7.81 2.13 7.17
N ASP B 118 -8.11 1.82 5.91
CA ASP B 118 -8.93 0.66 5.58
C ASP B 118 -8.35 -0.68 6.05
N ASN B 119 -7.03 -0.84 5.95
CA ASN B 119 -6.34 -2.08 6.36
C ASN B 119 -6.24 -2.20 7.90
N LEU B 120 -6.95 -1.33 8.59
CA LEU B 120 -6.92 -1.34 10.04
C LEU B 120 -8.32 -1.57 10.56
N ILE B 121 -9.29 -1.35 9.69
CA ILE B 121 -10.68 -1.48 10.05
C ILE B 121 -11.01 -2.83 10.67
N THR B 122 -10.61 -3.92 10.01
CA THR B 122 -10.92 -5.27 10.51
C THR B 122 -10.37 -5.56 11.92
N ARG B 123 -9.17 -5.08 12.19
CA ARG B 123 -8.55 -5.29 13.50
C ARG B 123 -9.28 -4.52 14.59
N ARG B 124 -9.53 -3.23 14.36
CA ARG B 124 -10.23 -2.39 15.34
C ARG B 124 -11.58 -3.03 15.68
N LEU B 125 -12.31 -3.44 14.65
CA LEU B 125 -13.63 -4.04 14.83
C LEU B 125 -13.58 -5.30 15.67
N HIS B 126 -12.50 -6.06 15.54
CA HIS B 126 -12.39 -7.27 16.32
C HIS B 126 -12.04 -6.93 17.75
N ALA B 127 -11.03 -6.10 17.93
CA ALA B 127 -10.64 -5.72 19.28
C ALA B 127 -11.77 -4.97 19.98
N LEU B 128 -12.69 -4.43 19.20
CA LEU B 128 -13.79 -3.68 19.75
C LEU B 128 -14.97 -4.57 20.12
N GLY B 129 -14.80 -5.89 19.93
CA GLY B 129 -15.85 -6.84 20.25
C GLY B 129 -17.01 -6.91 19.27
N LEU B 130 -16.74 -6.80 17.97
CA LEU B 130 -17.80 -6.85 16.96
C LEU B 130 -18.23 -8.26 16.62
N PHE B 131 -17.28 -9.19 16.64
CA PHE B 131 -17.59 -10.58 16.32
C PHE B 131 -18.01 -11.39 17.53
N ALA B 132 -18.75 -12.46 17.28
CA ALA B 132 -19.24 -13.30 18.37
C ALA B 132 -18.13 -13.70 19.31
N GLU B 133 -18.48 -13.77 20.59
CA GLU B 133 -17.53 -14.18 21.60
C GLU B 133 -16.98 -15.54 21.14
N GLY B 134 -15.65 -15.68 21.14
CA GLY B 134 -15.05 -16.94 20.71
C GLY B 134 -14.51 -16.92 19.30
N VAL B 135 -15.05 -16.04 18.47
CA VAL B 135 -14.59 -15.95 17.10
C VAL B 135 -13.16 -15.43 17.08
N THR B 136 -12.31 -16.27 16.52
CA THR B 136 -10.90 -16.00 16.41
C THR B 136 -10.58 -15.09 15.24
N LEU B 137 -9.45 -14.38 15.33
CA LEU B 137 -9.04 -13.51 14.25
C LEU B 137 -7.72 -14.05 13.75
N ASP B 138 -7.76 -14.64 12.56
CA ASP B 138 -6.58 -15.21 11.94
C ASP B 138 -5.78 -14.17 11.17
N ASN B 139 -4.78 -13.59 11.84
CA ASN B 139 -3.93 -12.57 11.24
C ASN B 139 -3.22 -12.97 9.93
N ARG B 140 -3.76 -12.53 8.79
CA ARG B 140 -3.16 -12.84 7.48
C ARG B 140 -2.66 -11.56 6.81
N LEU B 141 -2.25 -10.59 7.61
CA LEU B 141 -1.80 -9.32 7.08
C LEU B 141 -0.52 -9.38 6.25
N ALA B 142 0.05 -10.58 6.13
CA ALA B 142 1.27 -10.74 5.34
C ALA B 142 0.93 -11.13 3.91
N PHE B 143 -0.35 -11.38 3.65
CA PHE B 143 -0.81 -11.79 2.31
C PHE B 143 -1.91 -10.85 1.79
N VAL B 144 -1.57 -10.01 0.81
CA VAL B 144 -2.56 -9.10 0.24
C VAL B 144 -3.64 -9.90 -0.48
N LEU B 145 -4.90 -9.62 -0.17
CA LEU B 145 -6.04 -10.31 -0.80
C LEU B 145 -7.30 -9.51 -0.54
N GLU B 146 -8.18 -9.40 -1.53
CA GLU B 146 -9.42 -8.66 -1.32
C GLU B 146 -10.64 -9.52 -1.63
N GLY B 147 -11.71 -9.29 -0.88
CA GLY B 147 -12.95 -10.05 -1.05
C GLY B 147 -13.45 -10.10 -2.47
N GLY B 148 -13.51 -8.93 -3.13
CA GLY B 148 -13.98 -8.87 -4.49
C GLY B 148 -13.33 -9.91 -5.38
N ALA B 149 -12.06 -10.24 -5.12
CA ALA B 149 -11.34 -11.23 -5.92
C ALA B 149 -11.62 -12.68 -5.51
N LEU B 150 -12.42 -12.85 -4.44
CA LEU B 150 -12.82 -14.16 -3.89
C LEU B 150 -14.24 -14.60 -4.24
N GLU B 151 -14.39 -15.84 -4.72
CA GLU B 151 -15.70 -16.35 -5.12
C GLU B 151 -15.70 -17.87 -4.95
N THR B 152 -16.50 -18.35 -4.01
CA THR B 152 -16.54 -19.78 -3.73
C THR B 152 -17.97 -20.36 -3.76
N ASP B 153 -18.07 -21.68 -3.76
CA ASP B 153 -19.36 -22.34 -3.76
C ASP B 153 -19.62 -23.00 -2.41
N GLY B 154 -18.70 -22.78 -1.46
CA GLY B 154 -18.86 -23.38 -0.16
C GLY B 154 -18.49 -24.85 -0.18
N GLU B 155 -17.92 -25.28 -1.29
CA GLU B 155 -17.51 -26.69 -1.48
C GLU B 155 -15.99 -26.82 -1.57
N GLY B 156 -15.27 -25.79 -1.16
CA GLY B 156 -13.84 -25.85 -1.26
C GLY B 156 -13.38 -25.50 -2.68
N THR B 157 -14.25 -24.86 -3.47
CA THR B 157 -13.90 -24.44 -4.83
C THR B 157 -13.78 -22.91 -4.92
N LEU B 158 -12.62 -22.44 -5.35
CA LEU B 158 -12.38 -21.01 -5.47
C LEU B 158 -12.22 -20.53 -6.91
N LEU B 159 -12.94 -19.46 -7.21
CA LEU B 159 -12.91 -18.86 -8.54
C LEU B 159 -12.33 -17.44 -8.43
N THR B 160 -11.28 -17.18 -9.18
CA THR B 160 -10.65 -15.86 -9.20
C THR B 160 -10.15 -15.59 -10.59
N THR B 161 -9.26 -14.61 -10.68
CA THR B 161 -8.67 -14.21 -11.95
C THR B 161 -7.14 -14.09 -11.76
N ASP B 162 -6.40 -14.49 -12.79
CA ASP B 162 -4.95 -14.42 -12.72
C ASP B 162 -4.48 -12.97 -12.73
N SER B 163 -5.18 -12.13 -13.48
CA SER B 163 -4.81 -10.73 -13.59
C SER B 163 -4.78 -10.06 -12.23
N CYS B 164 -5.50 -10.66 -11.29
CA CYS B 164 -5.58 -10.09 -9.96
C CYS B 164 -4.65 -10.83 -9.03
N LEU B 165 -4.84 -12.15 -8.97
CA LEU B 165 -4.02 -12.95 -8.08
C LEU B 165 -2.53 -12.76 -8.34
N PHE B 166 -2.14 -12.39 -9.55
CA PHE B 166 -0.72 -12.22 -9.86
C PHE B 166 -0.35 -10.80 -10.22
N GLU B 167 -0.86 -9.87 -9.43
CA GLU B 167 -0.57 -8.44 -9.58
C GLU B 167 0.81 -8.19 -9.01
N PRO B 168 1.66 -7.45 -9.74
CA PRO B 168 3.04 -7.12 -9.33
C PRO B 168 3.15 -6.36 -8.01
N ASN B 169 2.04 -5.82 -7.54
CA ASN B 169 2.07 -5.07 -6.30
C ASN B 169 1.17 -5.64 -5.23
N ARG B 170 0.96 -6.96 -5.32
CA ARG B 170 0.13 -7.70 -4.39
C ARG B 170 1.06 -8.62 -3.58
N ASN B 171 1.33 -9.79 -4.15
CA ASN B 171 2.19 -10.78 -3.50
C ASN B 171 3.30 -11.22 -4.48
N ALA B 172 3.80 -10.26 -5.25
CA ALA B 172 4.86 -10.53 -6.22
C ALA B 172 6.08 -11.20 -5.57
N GLY B 173 6.19 -11.10 -4.25
CA GLY B 173 7.31 -11.71 -3.56
C GLY B 173 7.13 -13.20 -3.31
N LEU B 174 6.06 -13.78 -3.84
CA LEU B 174 5.81 -15.22 -3.69
C LEU B 174 5.69 -15.79 -5.09
N SER B 175 5.93 -17.09 -5.24
CA SER B 175 5.78 -17.67 -6.57
C SER B 175 4.32 -18.02 -6.78
N ARG B 176 3.96 -18.33 -8.01
CA ARG B 176 2.58 -18.67 -8.37
C ARG B 176 2.00 -19.75 -7.48
N THR B 177 2.77 -20.81 -7.27
CA THR B 177 2.37 -21.95 -6.45
C THR B 177 2.20 -21.53 -5.00
N ALA B 178 3.13 -20.74 -4.49
CA ALA B 178 3.07 -20.26 -3.10
C ALA B 178 1.81 -19.44 -2.90
N ILE B 179 1.46 -18.61 -3.87
CA ILE B 179 0.26 -17.82 -3.79
C ILE B 179 -1.00 -18.73 -3.81
N ILE B 180 -1.01 -19.76 -4.66
CA ILE B 180 -2.16 -20.64 -4.70
C ILE B 180 -2.27 -21.50 -3.46
N ASP B 181 -1.14 -22.01 -2.97
CA ASP B 181 -1.18 -22.83 -1.77
C ASP B 181 -1.71 -22.00 -0.60
N THR B 182 -1.30 -20.74 -0.50
CA THR B 182 -1.78 -19.89 0.59
C THR B 182 -3.30 -19.82 0.56
N LEU B 183 -3.87 -19.74 -0.64
CA LEU B 183 -5.34 -19.68 -0.72
C LEU B 183 -5.96 -20.99 -0.25
N LYS B 184 -5.35 -22.11 -0.62
CA LYS B 184 -5.87 -23.42 -0.26
C LYS B 184 -5.78 -23.68 1.24
N GLU B 185 -4.82 -23.02 1.90
CA GLU B 185 -4.59 -23.19 3.33
C GLU B 185 -5.30 -22.14 4.19
N SER B 186 -5.47 -20.95 3.66
CA SER B 186 -6.13 -19.87 4.36
C SER B 186 -7.63 -20.09 4.33
N LEU B 187 -8.13 -20.39 3.13
CA LEU B 187 -9.55 -20.61 2.89
C LEU B 187 -9.94 -22.08 2.82
N GLY B 188 -8.96 -22.96 2.98
CA GLY B 188 -9.24 -24.37 2.94
C GLY B 188 -9.89 -24.83 1.64
N VAL B 189 -9.61 -24.13 0.55
CA VAL B 189 -10.18 -24.50 -0.75
C VAL B 189 -9.38 -25.64 -1.38
N SER B 190 -10.10 -26.55 -2.02
CA SER B 190 -9.49 -27.72 -2.64
C SER B 190 -9.01 -27.50 -4.06
N ARG B 191 -9.58 -26.50 -4.73
CA ARG B 191 -9.21 -26.21 -6.11
C ARG B 191 -9.39 -24.72 -6.42
N VAL B 192 -8.41 -24.15 -7.11
CA VAL B 192 -8.45 -22.74 -7.48
C VAL B 192 -8.57 -22.63 -8.98
N LEU B 193 -9.73 -22.15 -9.42
CA LEU B 193 -10.02 -21.98 -10.84
C LEU B 193 -9.87 -20.53 -11.21
N SER B 194 -8.67 -20.15 -11.66
CA SER B 194 -8.39 -18.77 -12.00
C SER B 194 -8.47 -18.46 -13.49
N LEU B 195 -9.38 -17.55 -13.86
CA LEU B 195 -9.58 -17.15 -15.25
C LEU B 195 -8.51 -16.15 -15.68
N ARG B 196 -8.00 -16.32 -16.89
CA ARG B 196 -6.98 -15.43 -17.43
C ARG B 196 -7.55 -14.40 -18.40
N HIS B 197 -8.82 -14.55 -18.74
CA HIS B 197 -9.47 -13.60 -19.64
C HIS B 197 -10.60 -12.95 -18.85
N GLY B 198 -10.89 -11.68 -19.14
CA GLY B 198 -11.97 -10.98 -18.46
C GLY B 198 -11.57 -9.71 -17.72
N ALA B 199 -11.89 -8.56 -18.31
CA ALA B 199 -11.59 -7.25 -17.73
C ALA B 199 -12.67 -6.28 -18.16
N LEU B 200 -12.94 -5.30 -17.31
CA LEU B 200 -13.96 -4.31 -17.55
C LEU B 200 -13.35 -2.91 -17.52
N ALA B 201 -13.56 -2.15 -18.58
CA ALA B 201 -13.05 -0.77 -18.68
C ALA B 201 -13.47 0.02 -17.45
N GLY B 202 -12.53 0.75 -16.86
CA GLY B 202 -12.84 1.54 -15.70
C GLY B 202 -12.54 0.81 -14.40
N ASP B 203 -12.13 -0.44 -14.53
CA ASP B 203 -11.82 -1.27 -13.39
C ASP B 203 -10.40 -1.07 -12.86
N ASP B 204 -10.28 -0.56 -11.65
CA ASP B 204 -8.98 -0.32 -11.06
C ASP B 204 -8.63 -1.42 -10.06
N THR B 205 -9.34 -2.54 -10.12
CA THR B 205 -9.09 -3.64 -9.20
C THR B 205 -8.25 -4.71 -9.85
N ASP B 206 -8.14 -4.64 -11.16
CA ASP B 206 -7.37 -5.61 -11.95
C ASP B 206 -8.20 -6.86 -12.24
N GLY B 207 -9.38 -6.64 -12.81
CA GLY B 207 -10.27 -7.74 -13.16
C GLY B 207 -10.81 -8.62 -12.05
N HIS B 208 -11.46 -8.02 -11.06
CA HIS B 208 -12.04 -8.81 -9.96
C HIS B 208 -13.13 -9.73 -10.49
N ILE B 209 -13.02 -11.01 -10.17
CA ILE B 209 -14.00 -12.01 -10.60
C ILE B 209 -15.37 -11.53 -10.12
N ASP B 210 -15.34 -10.60 -9.18
CA ASP B 210 -16.52 -9.99 -8.54
C ASP B 210 -17.43 -9.20 -9.47
N THR B 211 -16.93 -8.90 -10.66
CA THR B 211 -17.65 -8.09 -11.63
C THR B 211 -17.89 -8.80 -12.96
N LEU B 212 -17.50 -10.07 -13.05
CA LEU B 212 -17.63 -10.84 -14.29
C LEU B 212 -18.40 -12.17 -14.14
N ALA B 213 -18.04 -12.97 -13.13
CA ALA B 213 -18.71 -14.25 -12.92
C ALA B 213 -18.94 -14.49 -11.46
N ARG B 214 -20.08 -15.10 -11.14
CA ARG B 214 -20.43 -15.36 -9.76
C ARG B 214 -21.22 -16.65 -9.56
N PHE B 215 -21.11 -17.22 -8.37
CA PHE B 215 -21.82 -18.45 -8.01
C PHE B 215 -23.21 -18.10 -7.44
N VAL B 216 -24.26 -18.72 -7.96
CA VAL B 216 -25.61 -18.47 -7.45
C VAL B 216 -26.01 -19.69 -6.60
N ASP B 217 -25.39 -20.84 -6.90
CA ASP B 217 -25.60 -22.07 -6.14
C ASP B 217 -24.42 -23.02 -6.33
N THR B 218 -24.49 -24.16 -5.66
CA THR B 218 -23.43 -25.14 -5.72
C THR B 218 -23.00 -25.61 -7.10
N ARG B 219 -23.83 -25.34 -8.12
CA ARG B 219 -23.54 -25.75 -9.50
C ARG B 219 -24.07 -24.80 -10.58
N THR B 220 -23.97 -23.50 -10.35
CA THR B 220 -24.42 -22.51 -11.30
C THR B 220 -23.55 -21.25 -11.21
N ILE B 221 -23.25 -20.67 -12.36
CA ILE B 221 -22.42 -19.48 -12.42
C ILE B 221 -23.03 -18.46 -13.37
N VAL B 222 -23.23 -17.24 -12.86
CA VAL B 222 -23.78 -16.16 -13.68
C VAL B 222 -22.58 -15.35 -14.13
N TYR B 223 -22.61 -14.86 -15.35
CA TYR B 223 -21.50 -14.09 -15.88
C TYR B 223 -21.96 -13.01 -16.86
N VAL B 224 -21.09 -12.04 -17.11
CA VAL B 224 -21.41 -10.97 -18.02
C VAL B 224 -21.01 -11.36 -19.43
N ARG B 225 -22.00 -11.61 -20.26
CA ARG B 225 -21.71 -12.02 -21.63
C ARG B 225 -21.91 -10.85 -22.59
N SER B 226 -20.83 -10.50 -23.30
CA SER B 226 -20.89 -9.40 -24.25
C SER B 226 -21.68 -9.82 -25.48
N GLU B 227 -22.17 -8.85 -26.23
CA GLU B 227 -22.97 -9.13 -27.41
C GLU B 227 -22.52 -8.43 -28.68
N ASP B 228 -22.01 -7.21 -28.54
CA ASP B 228 -21.56 -6.45 -29.69
C ASP B 228 -20.07 -6.69 -29.98
N PRO B 229 -19.76 -7.45 -31.05
CA PRO B 229 -18.38 -7.78 -31.44
C PRO B 229 -17.50 -6.58 -31.81
N SER B 230 -18.09 -5.40 -31.94
CA SER B 230 -17.32 -4.21 -32.27
C SER B 230 -16.94 -3.40 -31.00
N ASP B 231 -17.43 -3.86 -29.85
CA ASP B 231 -17.17 -3.25 -28.54
C ASP B 231 -15.76 -3.66 -28.09
N GLU B 232 -15.12 -2.85 -27.24
CA GLU B 232 -13.77 -3.15 -26.77
C GLU B 232 -13.66 -4.29 -25.74
N HIS B 233 -14.80 -4.77 -25.28
CA HIS B 233 -14.84 -5.85 -24.30
C HIS B 233 -15.09 -7.22 -24.92
N TYR B 234 -15.95 -7.25 -25.94
CA TYR B 234 -16.33 -8.48 -26.62
C TYR B 234 -15.22 -9.51 -26.82
N SER B 235 -14.13 -9.10 -27.45
CA SER B 235 -13.04 -10.02 -27.70
C SER B 235 -12.55 -10.75 -26.44
N ASP B 236 -12.42 -10.06 -25.32
CA ASP B 236 -11.96 -10.75 -24.12
C ASP B 236 -13.09 -11.42 -23.34
N LEU B 237 -14.25 -10.78 -23.27
CA LEU B 237 -15.39 -11.37 -22.54
C LEU B 237 -15.77 -12.71 -23.14
N THR B 238 -15.72 -12.79 -24.46
CA THR B 238 -16.03 -14.02 -25.20
C THR B 238 -14.99 -15.09 -24.89
N ALA B 239 -13.75 -14.65 -24.73
CA ALA B 239 -12.66 -15.57 -24.41
C ALA B 239 -12.91 -16.15 -23.02
N GLU B 241 -15.96 -16.43 -21.41
CA GLU B 241 -17.08 -17.35 -21.49
C GLU B 241 -16.63 -18.73 -21.96
N GLN B 242 -15.65 -18.77 -22.86
CA GLN B 242 -15.15 -20.04 -23.37
C GLN B 242 -14.31 -20.73 -22.30
N GLU B 243 -13.79 -19.96 -21.36
CA GLU B 243 -12.98 -20.49 -20.29
C GLU B 243 -13.83 -21.12 -19.20
N LEU B 244 -15.05 -20.61 -19.04
CA LEU B 244 -15.97 -21.14 -18.04
C LEU B 244 -16.58 -22.45 -18.51
N LYS B 245 -16.85 -22.54 -19.81
CA LYS B 245 -17.41 -23.75 -20.40
C LYS B 245 -16.51 -24.94 -20.08
N GLU B 246 -15.21 -24.66 -19.94
CA GLU B 246 -14.19 -25.66 -19.66
C GLU B 246 -14.31 -26.19 -18.24
N LEU B 247 -14.55 -25.26 -17.31
CA LEU B 247 -14.68 -25.56 -15.89
C LEU B 247 -15.67 -26.66 -15.60
N ARG B 248 -15.24 -27.60 -14.76
CA ARG B 248 -16.05 -28.73 -14.36
C ARG B 248 -16.46 -28.50 -12.90
N ARG B 249 -17.66 -28.94 -12.54
CA ARG B 249 -18.16 -28.79 -11.17
C ARG B 249 -17.44 -29.83 -10.29
N PRO B 250 -17.64 -29.76 -8.97
CA PRO B 250 -16.96 -30.73 -8.09
C PRO B 250 -17.24 -32.19 -8.48
N ASP B 251 -18.48 -32.47 -8.88
CA ASP B 251 -18.89 -33.81 -9.28
C ASP B 251 -18.37 -34.26 -10.65
N GLY B 252 -17.63 -33.39 -11.33
CA GLY B 252 -17.09 -33.75 -12.64
C GLY B 252 -17.95 -33.32 -13.80
N GLN B 253 -19.16 -32.84 -13.51
CA GLN B 253 -20.11 -32.40 -14.54
C GLN B 253 -19.90 -30.93 -14.93
N PRO B 254 -20.40 -30.53 -16.11
CA PRO B 254 -20.23 -29.13 -16.51
C PRO B 254 -21.15 -28.19 -15.71
N TYR B 255 -20.68 -26.97 -15.47
CA TYR B 255 -21.47 -25.99 -14.71
C TYR B 255 -22.64 -25.46 -15.51
N ARG B 256 -23.65 -25.02 -14.79
CA ARG B 256 -24.84 -24.43 -15.40
C ARG B 256 -24.53 -22.94 -15.49
N LEU B 257 -24.20 -22.46 -16.68
CA LEU B 257 -23.84 -21.05 -16.88
C LEU B 257 -25.05 -20.17 -17.29
N VAL B 258 -25.34 -19.14 -16.52
CA VAL B 258 -26.46 -18.26 -16.82
C VAL B 258 -25.95 -16.90 -17.27
N PRO B 259 -26.13 -16.57 -18.56
CA PRO B 259 -25.68 -15.29 -19.10
C PRO B 259 -26.38 -14.07 -18.55
N LEU B 260 -25.61 -13.02 -18.36
CA LEU B 260 -26.11 -11.77 -17.83
C LEU B 260 -25.86 -10.73 -18.89
N PRO B 261 -26.81 -9.82 -19.08
CA PRO B 261 -26.60 -8.78 -20.10
C PRO B 261 -25.46 -7.85 -19.73
N ALA B 263 -23.91 -4.47 -19.28
CA ALA B 263 -24.46 -3.15 -18.97
C ALA B 263 -24.15 -2.24 -20.14
N GLU B 264 -25.04 -1.31 -20.43
CA GLU B 264 -24.82 -0.40 -21.54
C GLU B 264 -23.72 0.60 -21.24
N ALA B 265 -23.01 1.04 -22.28
CA ALA B 265 -21.93 1.99 -22.13
C ALA B 265 -22.37 3.23 -21.37
N LEU B 266 -22.11 3.25 -20.08
CA LEU B 266 -22.47 4.37 -19.23
C LEU B 266 -21.20 4.94 -18.62
N TYR B 267 -21.01 6.25 -18.73
CA TYR B 267 -19.83 6.87 -18.14
C TYR B 267 -19.87 8.39 -18.00
N ASP B 268 -18.86 8.91 -17.30
CA ASP B 268 -18.75 10.34 -17.09
C ASP B 268 -17.37 10.80 -17.55
N GLY B 269 -17.36 11.57 -18.63
CA GLY B 269 -16.11 12.06 -19.19
C GLY B 269 -15.50 11.04 -20.14
N ALA B 270 -14.27 11.28 -20.56
CA ALA B 270 -13.62 10.36 -21.45
C ALA B 270 -13.30 9.04 -20.74
N ASP B 271 -13.93 8.81 -19.59
CA ASP B 271 -13.70 7.59 -18.83
C ASP B 271 -14.92 6.70 -18.79
N ARG B 272 -14.82 5.54 -19.42
CA ARG B 272 -15.92 4.60 -19.43
C ARG B 272 -16.00 3.92 -18.05
N LEU B 273 -17.21 3.80 -17.51
CA LEU B 273 -17.40 3.19 -16.19
C LEU B 273 -17.70 1.71 -16.26
N PRO B 274 -17.21 0.96 -15.27
CA PRO B 274 -17.41 -0.49 -15.20
C PRO B 274 -18.76 -0.99 -14.68
N ALA B 275 -19.86 -0.50 -15.25
CA ALA B 275 -21.17 -0.96 -14.79
C ALA B 275 -21.31 -2.46 -15.05
N THR B 276 -21.83 -3.18 -14.06
CA THR B 276 -22.01 -4.62 -14.18
C THR B 276 -23.15 -5.13 -13.32
N TYR B 277 -23.89 -6.10 -13.84
CA TYR B 277 -25.01 -6.67 -13.11
C TYR B 277 -24.52 -7.86 -12.29
N ALA B 278 -23.26 -8.22 -12.49
CA ALA B 278 -22.64 -9.35 -11.79
C ALA B 278 -22.33 -9.00 -10.34
N ASN B 279 -22.26 -7.71 -10.08
CA ASN B 279 -21.92 -7.18 -8.78
C ASN B 279 -23.10 -7.06 -7.79
N PHE B 280 -23.90 -8.13 -7.69
CA PHE B 280 -25.08 -8.20 -6.80
C PHE B 280 -24.76 -8.72 -5.41
N LEU B 281 -25.58 -8.34 -4.43
CA LEU B 281 -25.38 -8.78 -3.04
C LEU B 281 -26.46 -9.77 -2.64
N ILE B 282 -26.05 -10.94 -2.18
CA ILE B 282 -27.02 -11.93 -1.74
C ILE B 282 -27.16 -11.89 -0.22
N ILE B 283 -28.39 -11.74 0.25
CA ILE B 283 -28.63 -11.71 1.69
C ILE B 283 -29.89 -12.50 2.06
N ASN B 284 -30.16 -12.63 3.35
CA ASN B 284 -31.33 -13.33 3.84
C ASN B 284 -32.61 -12.88 3.12
N GLY B 285 -33.19 -13.81 2.36
CA GLY B 285 -34.43 -13.59 1.64
C GLY B 285 -34.46 -12.53 0.56
N ALA B 286 -33.29 -12.15 0.07
CA ALA B 286 -33.28 -11.10 -0.92
C ALA B 286 -31.96 -11.03 -1.66
N VAL B 287 -31.97 -10.34 -2.80
CA VAL B 287 -30.78 -10.15 -3.61
C VAL B 287 -30.75 -8.70 -4.09
N LEU B 288 -29.70 -7.97 -3.75
CA LEU B 288 -29.56 -6.57 -4.18
C LEU B 288 -28.80 -6.51 -5.52
N VAL B 289 -29.49 -6.03 -6.55
CA VAL B 289 -28.89 -5.97 -7.88
C VAL B 289 -28.75 -4.53 -8.35
N PRO B 290 -27.54 -4.14 -8.76
CA PRO B 290 -27.33 -2.77 -9.23
C PRO B 290 -28.12 -2.49 -10.50
N THR B 291 -28.59 -1.25 -10.59
CA THR B 291 -29.39 -0.74 -11.68
C THR B 291 -28.65 0.47 -12.17
N TYR B 292 -28.70 0.72 -13.49
CA TYR B 292 -28.02 1.89 -14.05
C TYR B 292 -28.95 2.74 -14.90
N ASP B 293 -30.25 2.57 -14.68
CA ASP B 293 -31.25 3.34 -15.41
C ASP B 293 -31.23 3.05 -16.92
N SER B 294 -31.29 1.77 -17.28
CA SER B 294 -31.32 1.36 -18.69
C SER B 294 -32.31 0.21 -18.88
N HIS B 295 -32.77 0.02 -20.11
CA HIS B 295 -33.71 -1.05 -20.37
C HIS B 295 -33.07 -2.40 -20.10
N LEU B 296 -31.77 -2.43 -19.84
CA LEU B 296 -31.13 -3.71 -19.59
C LEU B 296 -31.33 -4.23 -18.19
N ASP B 297 -31.19 -3.36 -17.19
CA ASP B 297 -31.33 -3.82 -15.82
C ASP B 297 -32.65 -4.53 -15.53
N ALA B 298 -33.64 -4.40 -16.42
CA ALA B 298 -34.92 -5.07 -16.21
C ALA B 298 -34.73 -6.54 -16.55
N VAL B 299 -33.80 -6.81 -17.45
CA VAL B 299 -33.48 -8.18 -17.86
C VAL B 299 -32.68 -8.86 -16.77
N ALA B 300 -31.70 -8.13 -16.25
CA ALA B 300 -30.84 -8.62 -15.17
C ALA B 300 -31.67 -8.93 -13.93
N LEU B 301 -32.83 -8.29 -13.82
CA LEU B 301 -33.69 -8.54 -12.66
C LEU B 301 -34.48 -9.82 -12.83
N SER B 302 -34.87 -10.12 -14.06
CA SER B 302 -35.62 -11.33 -14.33
C SER B 302 -34.72 -12.54 -14.19
N VAL B 303 -33.56 -12.47 -14.82
CA VAL B 303 -32.66 -13.59 -14.76
C VAL B 303 -32.25 -13.86 -13.31
N GLN B 305 -34.06 -13.11 -10.66
CA GLN B 305 -35.27 -13.51 -9.95
C GLN B 305 -35.56 -15.00 -10.19
N GLY B 306 -35.24 -15.49 -11.37
CA GLY B 306 -35.47 -16.89 -11.66
C GLY B 306 -34.45 -17.77 -10.95
N LEU B 307 -33.25 -17.22 -10.73
CA LEU B 307 -32.17 -17.95 -10.07
C LEU B 307 -32.34 -17.92 -8.56
N PHE B 308 -33.24 -17.05 -8.10
CA PHE B 308 -33.49 -16.90 -6.67
C PHE B 308 -34.99 -16.75 -6.40
N PRO B 309 -35.76 -17.81 -6.66
CA PRO B 309 -37.20 -17.78 -6.43
C PRO B 309 -37.50 -17.74 -4.93
N ASP B 310 -36.48 -18.04 -4.14
CA ASP B 310 -36.57 -18.08 -2.69
C ASP B 310 -36.45 -16.71 -2.04
N ARG B 311 -35.57 -15.87 -2.61
CA ARG B 311 -35.32 -14.53 -2.11
C ARG B 311 -35.98 -13.50 -3.03
N GLU B 312 -36.03 -12.24 -2.58
CA GLU B 312 -36.63 -11.14 -3.35
C GLU B 312 -35.56 -10.29 -4.04
N VAL B 313 -35.69 -10.11 -5.35
CA VAL B 313 -34.72 -9.30 -6.06
C VAL B 313 -35.07 -7.83 -5.91
N ILE B 314 -34.12 -7.06 -5.39
CA ILE B 314 -34.31 -5.63 -5.15
C ILE B 314 -33.25 -4.83 -5.91
N GLY B 315 -33.68 -4.14 -6.96
CA GLY B 315 -32.75 -3.36 -7.75
C GLY B 315 -32.45 -2.00 -7.15
N ILE B 316 -31.16 -1.72 -6.94
CA ILE B 316 -30.75 -0.45 -6.38
C ILE B 316 -29.93 0.30 -7.44
N ASP B 317 -30.23 1.57 -7.64
CA ASP B 317 -29.53 2.39 -8.62
C ASP B 317 -28.11 2.57 -8.12
N CYS B 318 -27.14 2.12 -8.90
CA CYS B 318 -25.76 2.24 -8.47
C CYS B 318 -24.89 3.06 -9.39
N ARG B 319 -25.51 4.02 -10.06
CA ARG B 319 -24.76 4.89 -10.93
C ARG B 319 -23.84 5.78 -10.10
N PRO B 320 -24.35 6.34 -8.97
CA PRO B 320 -23.43 7.18 -8.19
C PRO B 320 -22.19 6.45 -7.69
N LEU B 321 -22.27 5.12 -7.66
CA LEU B 321 -21.17 4.24 -7.25
C LEU B 321 -20.26 3.90 -8.43
N VAL B 322 -20.84 3.66 -9.60
CA VAL B 322 -20.06 3.32 -10.77
C VAL B 322 -19.23 4.52 -11.23
N LYS B 323 -19.63 5.72 -10.80
CA LYS B 323 -18.91 6.95 -11.14
C LYS B 323 -17.61 6.91 -10.33
N GLN B 324 -17.55 5.97 -9.39
CA GLN B 324 -16.39 5.78 -8.54
C GLN B 324 -15.75 4.42 -8.86
N HIS B 325 -15.90 4.00 -10.10
CA HIS B 325 -15.32 2.74 -10.58
C HIS B 325 -15.63 1.54 -9.70
N GLY B 326 -16.87 1.46 -9.23
CA GLY B 326 -17.28 0.35 -8.38
C GLY B 326 -18.78 0.28 -8.24
N SER B 327 -19.30 -0.89 -7.87
CA SER B 327 -20.74 -1.02 -7.73
C SER B 327 -21.19 -1.59 -6.37
N LEU B 328 -22.47 -1.93 -6.27
CA LEU B 328 -23.07 -2.42 -5.04
C LEU B 328 -22.25 -3.42 -4.22
N HIS B 329 -22.04 -4.62 -4.75
CA HIS B 329 -21.29 -5.64 -4.03
C HIS B 329 -19.94 -5.17 -3.50
N CYS B 330 -19.33 -4.20 -4.17
CA CYS B 330 -18.02 -3.69 -3.75
C CYS B 330 -18.02 -2.90 -2.45
N VAL B 331 -19.19 -2.42 -2.03
CA VAL B 331 -19.24 -1.64 -0.81
C VAL B 331 -19.84 -2.39 0.36
N THR B 332 -19.90 -3.70 0.23
CA THR B 332 -20.47 -4.55 1.27
C THR B 332 -19.65 -5.79 1.56
N GLN B 334 -20.57 -9.46 3.79
CA GLN B 334 -21.46 -10.20 4.67
C GLN B 334 -20.80 -11.14 5.68
N TYR B 335 -21.48 -11.35 6.80
CA TYR B 335 -21.01 -12.25 7.84
C TYR B 335 -22.13 -13.23 8.16
N PRO B 336 -21.86 -14.54 8.08
CA PRO B 336 -22.87 -15.58 8.36
C PRO B 336 -23.30 -15.64 9.83
N GLN B 337 -24.34 -16.41 10.14
CA GLN B 337 -24.85 -16.49 11.51
C GLN B 337 -23.86 -17.09 12.51
N GLY B 338 -23.77 -16.46 13.68
CA GLY B 338 -22.87 -16.93 14.71
C GLY B 338 -21.50 -16.29 14.65
N PHE B 339 -21.33 -15.29 13.79
CA PHE B 339 -20.04 -14.63 13.68
C PHE B 339 -20.07 -13.30 14.40
N ILE B 340 -21.26 -12.74 14.56
CA ILE B 340 -21.43 -11.45 15.20
C ILE B 340 -22.05 -11.61 16.60
N ARG B 341 -21.69 -10.70 17.51
CA ARG B 341 -22.22 -10.73 18.88
C ARG B 341 -23.70 -10.33 18.86
#